data_2HPM
#
_entry.id   2HPM
#
_cell.length_a   174.442
_cell.length_b   185.724
_cell.length_c   125.836
_cell.angle_alpha   90.00
_cell.angle_beta   90.00
_cell.angle_gamma   90.00
#
_symmetry.space_group_name_H-M   'C 2 2 21'
#
loop_
_entity.id
_entity.type
_entity.pdbx_description
1 polymer 'DNA Polymerase III alpha subunit'
2 non-polymer 'ZINC ION'
3 non-polymer 'MAGNESIUM ION'
4 non-polymer 'CHLORIDE ION'
5 non-polymer TRIPHOSPHATE
#
_entity_poly.entity_id   1
_entity_poly.type   'polypeptide(L)'
_entity_poly.pdbx_seq_one_letter_code
;MGSKLKFAHLHQHTQFSLLDGAAKLQDLLKWVKETTPEDPALAMTDHGNLFGAVEFYKKATAMGVKPIIGYEAYVAAESR
FDRKRGKGLDGGYFHLTLLAKDFTGYQNLVRLASRAYLEGFYEKPRIDREILREHAQGLIALSGCLGAEIPQFILQDRLD
LAEARLNEDLSIFGDRFFIEIQNHGLPEQKKVNQVLKEFARKYGLGMVATNDGHYVRKEDARAHEVLLAIQSKTTLDDPE
RWRFPCDEFYVKTPEEMRAMLPEAEWGDEPFDNTVEIARMCDVDLPIGDKMVYRIPRFPLPEGRTEAQYLRELTFLGLLR
RYPDRITEAFYREVLRLLGTMPPHGDERALAEALARVEEKAWEELRKRLPPLEGVREWTAEAILHRALYELSVIERMGFP
GYFLIVQDYINWARGHGVSVGPGRGSAAGSLVAYAVGITNIDPLRFGLLFERFLNPERVSMPDIDTDFSDRERDRVIQYV
RERYGEDKVAQIGTFGSLASKAALKDVARVYGIPHKKAEELAKLIPVQFGKPKPLQEAIQVVPELRAEMEKDERIRQVIE
VAMRLEGLNRHASVHAAGVVIAAEPLTDLVPLMRDQEGRPVTQYDMGAVEALGLLKMDFLGLRTLTFLDEARRIVKESKG
VELDYDRLPLDDPKTFELLSRGETKGVFQLESGGMTATVRGLKPRRLEDIIALVSLYRPGPMEHIPTYIRRHHGQEPVSY
AEFPHAEKYLRPILDETYGIPVYQEQIMQIASQVAGYSLGEADLLRRAMGKKRVEEMQKHRERFVRGAKERGVPEEEANR
LFDMLEAFANYGFNKSHAAAYSLLSYQTAYVKAHYPVEFMAALLSVERHDSDKVAEYIRDARALGIPVLPPDVNRSGFDF
KVVGEEILFGLSAVKNVGEMAARAILEERERGGPFKSLGDFLKRLPEQVVNKRALESLVKAGALDAFGDRARLLASLEPL
LRWAAETRERGRSGLVGLFAEVEEPPLVEASPLDEITMLRYEKEALGIYVSGHPVLRYPGLREVASCTIEELSEFVRELP
GKPKVLLSGMVEEVVRKPTRSGGMMARFTLSDETGALEVVVFGRAYEGVSPKLKEDIPLLVLAEVEKGEELRVLAQAVWT
LEEVLEAPKALEVEVDHALLDEKGVARLKSLLDEHPGSLPVYLRVLGPFGEALFALREVRVGEEALGLLEAEGYRAYLVP
DREVFLQGNGGGPKEEVVPF
;
_entity_poly.pdbx_strand_id   A
#
# COMPACT_ATOMS: atom_id res chain seq x y z
N LEU A 5 37.28 13.71 36.83
CA LEU A 5 37.01 14.19 35.43
C LEU A 5 35.92 13.37 34.72
N LYS A 6 35.11 14.04 33.90
CA LYS A 6 34.10 13.39 33.05
C LYS A 6 33.66 14.26 31.88
N PHE A 7 32.79 13.71 31.03
CA PHE A 7 32.37 14.35 29.79
C PHE A 7 31.02 13.79 29.31
N ALA A 8 30.27 14.61 28.56
CA ALA A 8 29.00 14.17 27.97
C ALA A 8 28.66 14.89 26.66
N HIS A 9 28.50 14.12 25.58
CA HIS A 9 28.30 14.64 24.21
C HIS A 9 27.03 15.44 23.99
N LEU A 10 27.18 16.64 23.41
CA LEU A 10 26.01 17.42 23.04
C LEU A 10 25.80 17.57 21.53
N HIS A 11 26.73 17.03 20.76
CA HIS A 11 26.58 16.94 19.32
C HIS A 11 26.85 15.49 18.87
N GLN A 12 25.76 14.78 18.62
CA GLN A 12 25.77 13.38 18.24
C GLN A 12 24.59 13.11 17.32
N HIS A 13 24.90 12.64 16.11
CA HIS A 13 23.90 12.33 15.10
C HIS A 13 23.48 10.88 15.28
N THR A 14 22.36 10.50 14.70
CA THR A 14 21.84 9.15 14.92
C THR A 14 21.35 8.55 13.62
N GLN A 15 20.84 7.32 13.72
CA GLN A 15 20.27 6.62 12.57
C GLN A 15 19.32 7.54 11.84
N PHE A 16 18.86 8.57 12.55
CA PHE A 16 17.84 9.48 12.04
C PHE A 16 18.33 10.64 11.22
N SER A 17 19.64 10.74 11.09
CA SER A 17 20.21 11.71 10.18
C SER A 17 20.38 10.98 8.84
N LEU A 18 19.25 10.44 8.37
CA LEU A 18 19.14 9.40 7.32
C LEU A 18 20.24 9.24 6.26
N LEU A 19 20.75 10.34 5.73
CA LEU A 19 21.77 10.26 4.69
C LEU A 19 23.11 9.81 5.23
N ASP A 20 23.64 10.49 6.25
CA ASP A 20 25.00 10.19 6.73
C ASP A 20 25.12 9.53 8.13
N GLY A 21 24.01 9.44 8.86
CA GLY A 21 24.03 8.90 10.23
C GLY A 21 23.97 7.39 10.29
N ALA A 22 24.81 6.80 11.14
CA ALA A 22 24.94 5.34 11.23
C ALA A 22 24.94 4.85 12.66
N ALA A 23 24.52 5.72 13.58
CA ALA A 23 24.48 5.37 14.99
C ALA A 23 23.09 4.88 15.40
N LYS A 24 22.95 3.56 15.48
CA LYS A 24 21.70 2.94 15.91
C LYS A 24 21.36 3.37 17.35
N LEU A 25 20.10 3.77 17.57
CA LEU A 25 19.65 4.38 18.82
C LEU A 25 20.00 3.56 20.05
N GLN A 26 19.79 2.24 19.97
CA GLN A 26 20.03 1.35 21.10
C GLN A 26 21.50 1.22 21.52
N ASP A 27 22.34 0.56 20.72
CA ASP A 27 23.74 0.34 21.13
C ASP A 27 24.53 1.66 21.31
N LEU A 28 23.96 2.77 20.83
CA LEU A 28 24.51 4.09 21.12
C LEU A 28 24.18 4.48 22.55
N LEU A 29 22.90 4.38 22.92
CA LEU A 29 22.46 4.74 24.26
C LEU A 29 23.07 3.90 25.39
N LYS A 30 23.43 2.64 25.11
CA LYS A 30 24.17 1.89 26.13
C LYS A 30 25.64 2.26 26.16
N TRP A 31 26.21 2.57 24.99
CA TRP A 31 27.62 2.93 24.91
C TRP A 31 27.88 4.19 25.71
N VAL A 32 26.92 5.09 25.70
CA VAL A 32 27.02 6.32 26.48
C VAL A 32 26.86 6.03 27.97
N LYS A 33 25.98 5.07 28.30
CA LYS A 33 25.73 4.67 29.68
C LYS A 33 26.91 3.89 30.28
N GLU A 34 27.47 2.97 29.49
CA GLU A 34 28.58 2.15 29.95
C GLU A 34 29.86 2.95 30.08
N THR A 35 29.94 4.08 29.38
CA THR A 35 31.08 4.97 29.50
C THR A 35 31.01 5.69 30.83
N THR A 36 30.00 6.53 31.02
CA THR A 36 29.86 7.32 32.25
C THR A 36 28.65 6.87 33.07
N PRO A 37 28.89 6.24 34.23
CA PRO A 37 27.75 5.87 35.08
C PRO A 37 27.04 7.08 35.70
N GLU A 38 27.83 8.08 36.12
CA GLU A 38 27.31 9.25 36.85
C GLU A 38 26.52 10.18 35.93
N ASP A 39 25.26 10.40 36.28
CA ASP A 39 24.36 11.34 35.59
C ASP A 39 24.64 11.47 34.07
N PRO A 40 24.55 10.35 33.33
CA PRO A 40 24.96 10.34 31.92
C PRO A 40 23.99 11.16 31.09
N ALA A 41 24.47 11.73 29.99
CA ALA A 41 23.59 12.48 29.11
C ALA A 41 23.94 12.36 27.64
N LEU A 42 22.94 12.52 26.78
CA LEU A 42 23.13 12.58 25.34
C LEU A 42 22.14 13.51 24.66
N ALA A 43 22.69 14.35 23.80
CA ALA A 43 21.87 15.23 23.00
C ALA A 43 21.69 14.59 21.64
N MET A 44 20.43 14.58 21.19
CA MET A 44 20.10 14.03 19.90
C MET A 44 20.04 15.20 18.91
N THR A 45 21.10 15.37 18.10
CA THR A 45 21.16 16.49 17.15
C THR A 45 21.23 16.03 15.71
N ASP A 46 20.13 15.49 15.20
CA ASP A 46 20.05 14.99 13.82
C ASP A 46 20.14 16.12 12.77
N HIS A 47 20.63 15.78 11.58
CA HIS A 47 20.71 16.75 10.46
C HIS A 47 19.33 17.20 9.98
N GLY A 48 18.83 18.30 10.53
CA GLY A 48 17.63 18.93 9.97
C GLY A 48 16.34 18.12 9.95
N ASN A 49 16.15 17.38 11.04
CA ASN A 49 14.87 16.74 11.36
C ASN A 49 14.74 16.38 12.84
N LEU A 50 13.53 15.95 13.20
CA LEU A 50 13.21 15.66 14.57
C LEU A 50 12.75 14.23 14.68
N PHE A 51 12.88 13.53 13.56
CA PHE A 51 12.42 12.16 13.44
C PHE A 51 12.68 11.35 14.70
N GLY A 52 13.90 11.49 15.23
CA GLY A 52 14.30 10.76 16.42
C GLY A 52 13.49 11.15 17.64
N ALA A 53 13.80 12.34 18.16
CA ALA A 53 13.16 12.90 19.35
C ALA A 53 12.33 11.93 20.24
N VAL A 54 11.08 11.69 19.87
CA VAL A 54 10.16 10.92 20.70
C VAL A 54 10.68 9.53 20.98
N GLU A 55 10.79 8.73 19.93
CA GLU A 55 11.24 7.34 20.06
C GLU A 55 12.63 7.24 20.70
N PHE A 56 13.38 8.35 20.66
CA PHE A 56 14.66 8.47 21.39
C PHE A 56 14.43 8.77 22.89
N TYR A 57 13.86 9.92 23.18
CA TYR A 57 13.52 10.31 24.53
C TYR A 57 12.99 9.16 25.36
N LYS A 58 12.09 8.37 24.80
CA LYS A 58 11.48 7.28 25.58
C LYS A 58 12.41 6.07 25.78
N LYS A 59 13.39 5.92 24.89
CA LYS A 59 14.35 4.82 25.02
C LYS A 59 15.39 5.11 26.08
N ALA A 60 15.86 6.35 26.08
CA ALA A 60 16.87 6.79 27.03
C ALA A 60 16.26 6.97 28.41
N THR A 61 15.00 7.39 28.43
CA THR A 61 14.35 7.70 29.70
C THR A 61 14.15 6.42 30.55
N ALA A 62 13.87 5.29 29.89
CA ALA A 62 13.68 4.01 30.57
C ALA A 62 14.93 3.12 30.53
N MET A 63 16.01 3.66 29.95
CA MET A 63 17.32 3.00 29.98
C MET A 63 18.16 3.50 31.15
N GLY A 64 17.93 4.76 31.54
CA GLY A 64 18.66 5.39 32.65
C GLY A 64 19.44 6.61 32.24
N VAL A 65 19.31 7.01 30.97
CA VAL A 65 20.02 8.17 30.43
C VAL A 65 19.08 9.37 30.33
N LYS A 66 19.59 10.53 30.75
CA LYS A 66 18.90 11.78 30.46
C LYS A 66 19.20 12.20 29.01
N PRO A 67 18.14 12.34 28.19
CA PRO A 67 18.25 12.79 26.81
C PRO A 67 18.20 14.32 26.68
N ILE A 68 18.74 14.86 25.60
CA ILE A 68 18.51 16.28 25.29
C ILE A 68 18.14 16.42 23.82
N ILE A 69 17.07 17.17 23.53
CA ILE A 69 16.56 17.20 22.16
C ILE A 69 17.13 18.34 21.34
N GLY A 70 17.65 18.01 20.16
CA GLY A 70 18.42 18.96 19.36
C GLY A 70 18.29 18.84 17.86
N TYR A 71 18.95 19.76 17.17
CA TYR A 71 18.71 20.00 15.76
C TYR A 71 19.92 20.65 15.08
N GLU A 72 20.78 19.88 14.42
CA GLU A 72 21.81 20.50 13.57
C GLU A 72 21.10 21.02 12.33
N ALA A 73 20.68 22.29 12.45
CA ALA A 73 19.82 22.96 11.48
C ALA A 73 20.56 23.48 10.26
N TYR A 74 19.91 23.42 9.13
CA TYR A 74 20.47 24.06 7.99
C TYR A 74 19.97 25.49 7.94
N VAL A 75 20.87 26.46 8.13
CA VAL A 75 20.49 27.86 8.04
C VAL A 75 20.97 28.42 6.72
N ALA A 76 20.07 29.09 6.00
CA ALA A 76 20.40 29.63 4.69
C ALA A 76 21.17 30.92 4.84
N ALA A 77 22.03 31.16 3.86
CA ALA A 77 22.77 32.40 3.81
C ALA A 77 21.80 33.51 4.14
N GLU A 78 20.75 33.63 3.32
CA GLU A 78 19.78 34.68 3.55
C GLU A 78 18.39 34.15 3.95
N SER A 79 17.37 34.44 3.13
CA SER A 79 16.00 34.04 3.43
C SER A 79 15.71 32.61 3.00
N ARG A 80 14.99 31.90 3.86
CA ARG A 80 14.58 30.52 3.65
C ARG A 80 13.86 30.41 2.32
N PHE A 81 13.34 31.55 1.86
CA PHE A 81 12.62 31.63 0.60
C PHE A 81 13.54 31.65 -0.62
N ASP A 82 14.82 31.99 -0.41
CA ASP A 82 15.78 32.05 -1.50
C ASP A 82 15.84 30.73 -2.25
N ARG A 83 16.41 30.75 -3.44
CA ARG A 83 16.57 29.57 -4.28
C ARG A 83 17.79 29.82 -5.13
N LYS A 84 18.93 30.05 -4.49
CA LYS A 84 20.07 30.51 -5.27
C LYS A 84 20.97 29.40 -5.85
N ARG A 85 21.02 29.42 -7.17
CA ARG A 85 21.72 28.45 -8.02
C ARG A 85 23.09 28.98 -8.47
N GLY A 91 23.75 32.70 -1.85
CA GLY A 91 24.67 31.69 -1.30
C GLY A 91 24.07 30.32 -0.97
N GLY A 92 24.81 29.55 -0.18
CA GLY A 92 24.41 28.18 0.17
C GLY A 92 23.46 28.01 1.35
N TYR A 93 23.83 27.08 2.22
CA TYR A 93 23.18 26.82 3.50
C TYR A 93 24.26 26.35 4.46
N PHE A 94 24.18 26.76 5.71
CA PHE A 94 25.23 26.48 6.68
C PHE A 94 24.66 25.56 7.76
N HIS A 95 25.52 25.04 8.62
CA HIS A 95 25.10 24.26 9.79
C HIS A 95 24.94 25.14 11.02
N LEU A 96 24.23 24.58 12.00
CA LEU A 96 24.06 25.22 13.31
C LEU A 96 23.50 24.29 14.39
N THR A 97 24.29 24.10 15.44
CA THR A 97 23.91 23.19 16.51
C THR A 97 22.94 23.86 17.48
N LEU A 98 21.75 23.27 17.61
CA LEU A 98 20.70 23.79 18.49
C LEU A 98 20.20 22.76 19.49
N LEU A 99 20.11 23.20 20.74
CA LEU A 99 19.57 22.40 21.86
C LEU A 99 18.41 23.12 22.54
N ALA A 100 17.36 22.36 22.89
CA ALA A 100 16.20 22.92 23.60
C ALA A 100 16.35 22.76 25.12
N LYS A 101 16.40 23.87 25.85
CA LYS A 101 16.69 23.78 27.29
C LYS A 101 15.46 23.53 28.16
N ASP A 102 14.35 24.23 27.89
CA ASP A 102 13.10 23.94 28.59
C ASP A 102 12.06 23.55 27.56
N PHE A 103 10.87 23.15 28.00
CA PHE A 103 9.85 22.63 27.07
C PHE A 103 9.43 23.59 25.95
N THR A 104 9.29 24.89 26.27
CA THR A 104 8.97 25.89 25.25
C THR A 104 10.01 25.74 24.14
N GLY A 105 11.26 25.58 24.54
CA GLY A 105 12.34 25.31 23.60
C GLY A 105 12.02 24.13 22.69
N TYR A 106 11.55 23.04 23.28
CA TYR A 106 11.16 21.89 22.50
C TYR A 106 10.12 22.26 21.45
N GLN A 107 9.09 23.01 21.85
CA GLN A 107 8.08 23.48 20.90
C GLN A 107 8.76 24.24 19.74
N ASN A 108 9.55 25.26 20.09
CA ASN A 108 10.24 26.06 19.09
C ASN A 108 11.19 25.24 18.20
N LEU A 109 11.69 24.13 18.71
CA LEU A 109 12.42 23.20 17.86
C LEU A 109 11.46 22.53 16.90
N VAL A 110 10.35 22.01 17.42
CA VAL A 110 9.34 21.38 16.57
C VAL A 110 8.91 22.35 15.48
N ARG A 111 8.73 23.61 15.86
CA ARG A 111 8.28 24.63 14.93
C ARG A 111 9.29 24.85 13.82
N LEU A 112 10.55 25.06 14.20
CA LEU A 112 11.62 25.30 13.23
C LEU A 112 11.76 24.20 12.19
N ALA A 113 11.94 22.95 12.63
CA ALA A 113 12.07 21.79 11.73
C ALA A 113 10.82 21.65 10.90
N SER A 114 9.67 22.02 11.48
CA SER A 114 8.44 22.06 10.71
C SER A 114 8.60 23.08 9.59
N ARG A 115 8.95 24.32 9.97
CA ARG A 115 9.07 25.43 9.02
C ARG A 115 10.16 25.23 7.98
N ALA A 116 11.24 24.59 8.41
CA ALA A 116 12.39 24.33 7.55
C ALA A 116 11.98 23.49 6.35
N TYR A 117 10.94 22.70 6.57
CA TYR A 117 10.40 21.81 5.55
C TYR A 117 9.31 22.50 4.69
N LEU A 118 8.42 23.22 5.34
CA LEU A 118 7.29 23.80 4.63
C LEU A 118 7.75 25.05 3.90
N GLU A 119 8.34 25.98 4.65
CA GLU A 119 8.66 27.31 4.12
C GLU A 119 10.01 27.39 3.40
N GLY A 120 10.99 26.63 3.86
CA GLY A 120 12.35 26.76 3.33
C GLY A 120 13.04 25.51 2.85
N PHE A 121 12.35 24.73 2.02
CA PHE A 121 13.00 23.57 1.45
C PHE A 121 13.57 23.85 0.08
N TYR A 122 14.91 23.88 0.00
CA TYR A 122 15.61 23.92 -1.29
C TYR A 122 16.19 22.55 -1.68
N GLU A 123 17.37 22.22 -1.15
CA GLU A 123 17.97 20.91 -1.38
C GLU A 123 17.83 20.12 -0.10
N LYS A 124 18.18 20.81 0.99
CA LYS A 124 17.99 20.38 2.36
C LYS A 124 16.89 21.28 2.92
N PRO A 125 16.29 20.93 4.06
CA PRO A 125 15.30 21.84 4.63
C PRO A 125 15.96 22.91 5.52
N ARG A 126 15.74 24.17 5.16
CA ARG A 126 16.53 25.27 5.73
C ARG A 126 15.71 26.28 6.50
N ILE A 127 16.27 26.79 7.59
CA ILE A 127 15.64 27.86 8.35
C ILE A 127 16.36 29.19 8.14
N ASP A 128 15.61 30.28 8.25
CA ASP A 128 16.14 31.61 8.19
C ASP A 128 16.87 31.88 9.45
N ARG A 129 17.70 32.92 9.45
CA ARG A 129 18.06 33.48 10.73
C ARG A 129 16.91 34.37 11.21
N GLU A 130 16.05 34.79 10.29
CA GLU A 130 14.83 35.55 10.62
C GLU A 130 13.91 34.73 11.50
N ILE A 131 13.64 33.50 11.09
CA ILE A 131 12.74 32.68 11.87
C ILE A 131 13.43 32.11 13.12
N LEU A 132 14.74 31.95 13.07
CA LEU A 132 15.49 31.45 14.23
C LEU A 132 15.32 32.45 15.36
N ARG A 133 15.44 33.71 14.97
CA ARG A 133 15.27 34.86 15.86
C ARG A 133 13.85 34.92 16.37
N GLU A 134 12.89 34.55 15.53
CA GLU A 134 11.52 34.52 15.97
C GLU A 134 11.32 33.47 17.04
N HIS A 135 12.03 32.35 16.94
CA HIS A 135 11.75 31.19 17.79
C HIS A 135 12.88 30.81 18.71
N ALA A 136 13.62 31.79 19.20
CA ALA A 136 14.81 31.48 19.98
C ALA A 136 14.51 31.14 21.43
N GLN A 137 13.39 31.64 21.93
CA GLN A 137 12.94 31.44 23.30
C GLN A 137 13.02 29.95 23.69
N GLY A 138 13.91 29.64 24.62
CA GLY A 138 14.08 28.26 25.09
C GLY A 138 15.15 27.46 24.35
N LEU A 139 16.07 28.16 23.68
CA LEU A 139 17.13 27.49 22.94
C LEU A 139 18.55 27.89 23.36
N ILE A 140 19.46 26.92 23.25
CA ILE A 140 20.90 27.14 23.33
C ILE A 140 21.49 26.80 21.95
N ALA A 141 22.38 27.67 21.46
CA ALA A 141 23.02 27.39 20.20
C ALA A 141 24.49 27.11 20.42
N LEU A 142 25.15 26.55 19.40
CA LEU A 142 26.58 26.29 19.44
C LEU A 142 27.21 26.73 18.12
N SER A 143 28.29 27.52 18.20
CA SER A 143 28.95 28.12 17.02
C SER A 143 28.89 27.24 15.78
N GLY A 144 29.13 25.94 15.97
CA GLY A 144 28.84 24.98 14.93
C GLY A 144 30.02 24.23 14.36
N CYS A 145 29.72 23.10 13.73
CA CYS A 145 30.71 22.24 13.09
C CYS A 145 31.44 23.01 11.99
N LEU A 146 32.60 22.50 11.60
CA LEU A 146 33.42 23.13 10.55
C LEU A 146 32.66 23.77 9.37
N GLY A 147 31.45 23.30 9.10
CA GLY A 147 30.67 23.82 8.00
C GLY A 147 29.63 24.86 8.40
N ALA A 148 29.62 25.22 9.69
CA ALA A 148 28.69 26.25 10.20
C ALA A 148 29.19 27.62 9.78
N GLU A 149 28.51 28.66 10.25
CA GLU A 149 28.76 29.99 9.70
C GLU A 149 30.06 30.63 10.21
N ILE A 150 30.13 30.82 11.52
CA ILE A 150 31.22 31.57 12.16
C ILE A 150 32.59 30.96 11.88
N PRO A 151 32.70 29.61 12.00
CA PRO A 151 33.94 28.94 11.59
C PRO A 151 34.22 29.15 10.11
N GLN A 152 33.23 28.87 9.28
CA GLN A 152 33.36 28.99 7.83
C GLN A 152 33.99 30.32 7.47
N PHE A 153 33.37 31.42 7.92
CA PHE A 153 33.88 32.74 7.60
C PHE A 153 35.35 32.86 7.99
N ILE A 154 35.69 32.31 9.15
CA ILE A 154 37.06 32.37 9.64
C ILE A 154 37.97 31.69 8.64
N LEU A 155 37.54 30.55 8.13
CA LEU A 155 38.29 29.85 7.09
C LEU A 155 38.56 30.69 5.86
N GLN A 156 37.69 31.67 5.63
CA GLN A 156 37.71 32.42 4.38
C GLN A 156 38.50 33.70 4.48
N ASP A 157 39.10 33.93 5.65
CA ASP A 157 39.86 35.14 5.92
C ASP A 157 38.97 36.37 5.94
N ARG A 158 37.67 36.12 5.97
CA ARG A 158 36.70 37.16 6.28
C ARG A 158 36.42 37.01 7.77
N LEU A 159 37.39 37.42 8.57
CA LEU A 159 37.19 37.53 10.00
C LEU A 159 36.08 38.55 10.22
N ASP A 160 36.17 39.67 9.51
CA ASP A 160 35.26 40.83 9.64
C ASP A 160 33.77 40.52 9.50
N LEU A 161 33.45 39.47 8.74
CA LEU A 161 32.08 39.01 8.55
C LEU A 161 31.69 38.05 9.66
N ALA A 162 32.65 37.21 10.07
CA ALA A 162 32.40 36.17 11.06
C ALA A 162 32.07 36.79 12.40
N GLU A 163 32.86 37.79 12.80
CA GLU A 163 32.62 38.53 14.04
C GLU A 163 31.29 39.28 13.94
N ALA A 164 31.03 39.84 12.76
CA ALA A 164 29.74 40.47 12.47
C ALA A 164 28.59 39.48 12.59
N ARG A 165 28.82 38.24 12.17
CA ARG A 165 27.79 37.22 12.26
C ARG A 165 27.74 36.63 13.67
N LEU A 166 28.84 36.74 14.41
CA LEU A 166 28.83 36.34 15.80
C LEU A 166 28.00 37.33 16.59
N ASN A 167 28.23 38.62 16.36
CA ASN A 167 27.40 39.69 16.92
C ASN A 167 25.91 39.48 16.62
N GLU A 168 25.60 39.21 15.35
CA GLU A 168 24.24 38.98 14.93
C GLU A 168 23.69 37.85 15.81
N ASP A 169 24.31 36.68 15.75
CA ASP A 169 23.81 35.51 16.49
C ASP A 169 23.66 35.82 17.98
N LEU A 170 24.54 36.65 18.51
CA LEU A 170 24.48 37.11 19.91
C LEU A 170 23.25 37.95 20.20
N SER A 171 22.80 38.69 19.21
CA SER A 171 21.60 39.50 19.33
C SER A 171 20.34 38.63 19.39
N ILE A 172 20.49 37.32 19.16
CA ILE A 172 19.34 36.43 19.02
C ILE A 172 19.09 35.55 20.24
N PHE A 173 20.16 34.95 20.75
CA PHE A 173 20.10 34.01 21.87
C PHE A 173 20.64 34.62 23.17
N GLY A 174 21.52 35.61 23.04
CA GLY A 174 22.20 36.17 24.19
C GLY A 174 23.15 35.17 24.84
N ASP A 175 23.29 35.29 26.16
CA ASP A 175 24.09 34.39 27.00
C ASP A 175 23.66 32.91 26.90
N ARG A 176 23.05 32.54 25.77
CA ARG A 176 22.61 31.17 25.52
C ARG A 176 23.22 30.67 24.20
N PHE A 177 24.25 31.37 23.74
CA PHE A 177 25.01 30.98 22.58
C PHE A 177 26.42 30.68 23.06
N PHE A 178 26.97 29.55 22.64
CA PHE A 178 28.33 29.19 23.04
C PHE A 178 29.24 29.00 21.83
N ILE A 179 30.56 29.05 22.05
CA ILE A 179 31.50 28.72 20.98
C ILE A 179 31.73 27.21 20.98
N GLU A 180 31.49 26.60 19.83
CA GLU A 180 31.66 25.15 19.67
C GLU A 180 33.07 24.84 19.20
N ILE A 181 33.74 24.02 20.00
CA ILE A 181 35.08 23.59 19.71
C ILE A 181 35.06 22.09 19.61
N GLN A 182 35.37 21.59 18.41
CA GLN A 182 35.53 20.16 18.18
C GLN A 182 36.87 19.90 17.53
N ASN A 183 37.43 18.72 17.73
CA ASN A 183 38.71 18.45 17.11
C ASN A 183 38.92 17.03 16.64
N HIS A 184 39.28 16.97 15.36
CA HIS A 184 39.75 15.78 14.69
C HIS A 184 41.07 16.24 14.10
N GLY A 185 41.86 15.33 13.55
CA GLY A 185 43.19 15.67 13.05
C GLY A 185 43.19 16.57 11.82
N LEU A 186 42.27 17.55 11.79
CA LEU A 186 42.07 18.42 10.64
C LEU A 186 42.68 19.82 10.79
N PRO A 187 43.50 20.23 9.81
CA PRO A 187 44.26 21.48 9.89
C PRO A 187 43.33 22.67 9.84
N GLU A 188 42.16 22.44 9.26
CA GLU A 188 41.14 23.46 9.20
C GLU A 188 40.63 23.74 10.61
N GLN A 189 40.51 22.68 11.42
CA GLN A 189 40.06 22.81 12.79
C GLN A 189 41.05 23.57 13.64
N LYS A 190 42.33 23.50 13.28
CA LYS A 190 43.36 24.20 14.02
C LYS A 190 43.12 25.70 13.87
N LYS A 191 42.99 26.16 12.63
CA LYS A 191 42.82 27.59 12.36
C LYS A 191 41.49 28.17 12.83
N VAL A 192 40.43 27.37 12.73
CA VAL A 192 39.11 27.83 13.10
C VAL A 192 39.05 28.07 14.61
N ASN A 193 39.48 27.08 15.37
CA ASN A 193 39.40 27.18 16.81
C ASN A 193 40.31 28.26 17.35
N GLN A 194 41.56 28.27 16.88
CA GLN A 194 42.55 29.27 17.30
C GLN A 194 41.95 30.70 17.32
N VAL A 195 40.94 30.93 16.48
CA VAL A 195 40.21 32.20 16.41
C VAL A 195 38.90 32.14 17.19
N LEU A 196 38.14 31.05 17.01
CA LEU A 196 36.96 30.81 17.83
C LEU A 196 37.32 30.99 19.30
N LYS A 197 38.55 30.58 19.64
CA LYS A 197 39.09 30.70 20.99
C LYS A 197 39.19 32.17 21.36
N GLU A 198 39.70 33.00 20.46
CA GLU A 198 39.80 34.44 20.70
C GLU A 198 38.41 35.02 20.89
N PHE A 199 37.45 34.54 20.13
CA PHE A 199 36.14 35.10 20.23
C PHE A 199 35.61 34.90 21.62
N ALA A 200 35.60 33.65 22.06
CA ALA A 200 34.98 33.27 23.33
C ALA A 200 35.55 34.02 24.51
N ARG A 201 36.78 34.52 24.36
CA ARG A 201 37.41 35.31 25.39
C ARG A 201 37.03 36.77 25.21
N LYS A 202 36.94 37.23 23.97
CA LYS A 202 36.67 38.65 23.68
C LYS A 202 35.27 39.05 24.11
N TYR A 203 34.27 38.41 23.54
CA TYR A 203 32.89 38.75 23.86
C TYR A 203 32.49 38.23 25.24
N GLY A 204 33.19 37.17 25.69
CA GLY A 204 32.96 36.56 27.00
C GLY A 204 31.96 35.43 26.93
N LEU A 205 32.28 34.39 26.18
CA LEU A 205 31.27 33.44 25.75
C LEU A 205 31.23 32.05 26.37
N GLY A 206 32.39 31.47 26.66
CA GLY A 206 32.42 30.08 27.14
C GLY A 206 32.30 29.06 26.01
N MET A 207 33.15 28.04 26.07
CA MET A 207 33.29 27.04 25.02
C MET A 207 32.76 25.68 25.45
N VAL A 208 32.12 24.98 24.51
CA VAL A 208 31.64 23.63 24.74
C VAL A 208 32.35 22.71 23.78
N ALA A 209 32.90 21.63 24.32
CA ALA A 209 33.56 20.63 23.53
C ALA A 209 32.57 19.55 23.09
N THR A 210 32.62 19.23 21.80
CA THR A 210 31.81 18.17 21.23
C THR A 210 32.68 17.40 20.25
N ASN A 211 32.11 16.41 19.57
CA ASN A 211 32.72 15.98 18.32
C ASN A 211 31.83 15.12 17.43
N ASP A 212 30.68 15.68 17.11
CA ASP A 212 29.89 15.34 15.91
C ASP A 212 29.80 13.85 15.55
N GLY A 213 29.53 13.01 16.54
CA GLY A 213 29.41 11.57 16.30
C GLY A 213 28.36 11.25 15.23
N HIS A 214 28.79 10.54 14.19
CA HIS A 214 27.91 9.98 13.16
C HIS A 214 27.89 8.48 13.23
N TYR A 215 28.88 7.89 13.90
CA TYR A 215 28.86 6.47 14.26
C TYR A 215 29.06 6.26 15.76
N VAL A 216 29.00 5.02 16.23
CA VAL A 216 29.01 4.79 17.68
C VAL A 216 30.38 4.58 18.27
N ARG A 217 31.07 3.50 17.89
CA ARG A 217 32.41 3.19 18.42
C ARG A 217 33.43 3.20 17.27
N LYS A 218 34.70 3.39 17.58
CA LYS A 218 35.73 3.56 16.54
C LYS A 218 35.72 2.54 15.39
N GLU A 219 35.37 1.29 15.69
CA GLU A 219 35.40 0.22 14.69
C GLU A 219 34.31 0.37 13.61
N ASP A 220 33.39 1.32 13.82
CA ASP A 220 32.32 1.57 12.86
C ASP A 220 32.81 2.38 11.66
N ALA A 221 34.11 2.63 11.58
CA ALA A 221 34.73 3.37 10.47
C ALA A 221 34.19 2.99 9.09
N ARG A 222 34.75 1.93 8.50
CA ARG A 222 34.32 1.46 7.17
C ARG A 222 32.83 1.14 7.13
N ALA A 223 32.33 0.46 8.15
CA ALA A 223 30.90 0.17 8.28
C ALA A 223 30.08 1.42 7.90
N HIS A 224 30.53 2.57 8.39
CA HIS A 224 29.88 3.83 8.10
C HIS A 224 30.28 4.26 6.70
N GLU A 225 31.58 4.25 6.44
CA GLU A 225 32.13 4.71 5.16
C GLU A 225 31.64 3.90 3.95
N VAL A 226 30.85 2.85 4.21
CA VAL A 226 30.10 2.18 3.13
C VAL A 226 28.64 2.64 3.12
N LEU A 227 28.11 2.96 4.31
CA LEU A 227 26.74 3.49 4.37
C LEU A 227 26.67 4.67 3.44
N LEU A 228 27.74 5.45 3.40
CA LEU A 228 27.89 6.51 2.43
C LEU A 228 27.87 5.97 1.00
N ALA A 229 28.71 4.97 0.73
CA ALA A 229 28.78 4.36 -0.60
C ALA A 229 27.44 3.81 -1.08
N ILE A 230 26.51 3.61 -0.15
CA ILE A 230 25.16 3.17 -0.48
C ILE A 230 24.25 4.37 -0.73
N GLN A 231 24.47 5.45 0.01
CA GLN A 231 23.75 6.69 -0.22
C GLN A 231 24.29 7.44 -1.44
N SER A 232 25.52 7.13 -1.84
CA SER A 232 26.15 7.68 -3.03
C SER A 232 26.04 6.72 -4.20
N LYS A 233 25.66 5.48 -3.89
CA LYS A 233 25.44 4.42 -4.88
C LYS A 233 26.69 4.16 -5.74
N THR A 234 27.81 3.84 -5.09
CA THR A 234 29.06 3.56 -5.79
C THR A 234 29.90 2.47 -5.13
N THR A 235 30.98 2.07 -5.81
CA THR A 235 31.88 1.03 -5.34
C THR A 235 32.74 1.57 -4.20
N LEU A 236 33.32 0.67 -3.42
CA LEU A 236 34.32 1.02 -2.42
C LEU A 236 35.49 1.78 -3.05
N ASP A 237 35.90 1.36 -4.26
CA ASP A 237 36.94 2.06 -4.99
C ASP A 237 36.35 2.74 -6.22
N ASP A 238 36.03 4.02 -6.08
CA ASP A 238 35.44 4.78 -7.17
C ASP A 238 36.54 5.55 -7.96
N PRO A 239 37.18 6.58 -7.36
CA PRO A 239 36.95 7.26 -6.09
C PRO A 239 35.95 8.37 -6.35
N GLU A 240 36.13 9.52 -5.71
CA GLU A 240 35.15 10.60 -5.81
C GLU A 240 33.91 10.16 -5.01
N ARG A 241 33.83 8.87 -4.71
CA ARG A 241 32.80 8.33 -3.82
C ARG A 241 32.79 9.15 -2.55
N TRP A 242 31.62 9.36 -1.99
CA TRP A 242 31.52 10.12 -0.76
C TRP A 242 32.38 9.44 0.29
N ARG A 243 33.20 10.23 0.97
CA ARG A 243 34.03 9.79 2.11
C ARG A 243 34.06 10.89 3.16
N PHE A 244 34.34 10.52 4.40
CA PHE A 244 34.64 11.50 5.42
C PHE A 244 36.14 11.81 5.37
N PRO A 245 36.58 12.90 6.02
CA PRO A 245 38.00 13.26 6.06
C PRO A 245 38.90 12.38 6.93
N CYS A 246 38.32 11.64 7.89
CA CYS A 246 39.05 10.67 8.71
C CYS A 246 38.13 9.74 9.48
N ASP A 247 38.71 8.80 10.23
CA ASP A 247 37.96 7.80 10.99
C ASP A 247 37.74 8.19 12.46
N GLU A 248 37.42 9.46 12.70
CA GLU A 248 37.40 10.00 14.07
C GLU A 248 36.02 10.44 14.63
N PHE A 249 34.95 10.13 13.91
CA PHE A 249 33.62 10.60 14.29
C PHE A 249 32.82 9.53 15.02
N TYR A 250 33.26 9.23 16.24
CA TYR A 250 32.60 8.25 17.11
C TYR A 250 32.46 8.77 18.53
N VAL A 251 31.55 8.16 19.30
CA VAL A 251 31.28 8.58 20.68
C VAL A 251 32.46 8.28 21.61
N LYS A 252 33.34 9.27 21.73
CA LYS A 252 34.60 9.07 22.42
C LYS A 252 34.44 9.08 23.95
N THR A 253 35.46 8.53 24.61
CA THR A 253 35.60 8.54 26.06
C THR A 253 35.99 9.95 26.49
N PRO A 254 35.65 10.34 27.73
CA PRO A 254 36.29 11.51 28.31
C PRO A 254 37.79 11.57 28.03
N GLU A 255 38.42 10.39 28.01
CA GLU A 255 39.87 10.23 27.79
C GLU A 255 40.33 10.47 26.35
N GLU A 256 39.57 9.96 25.37
CA GLU A 256 39.88 10.16 23.95
C GLU A 256 39.67 11.63 23.54
N MET A 257 38.89 12.35 24.35
CA MET A 257 38.61 13.76 24.13
C MET A 257 39.80 14.62 24.46
N ARG A 258 40.29 14.47 25.68
CA ARG A 258 41.49 15.17 26.12
C ARG A 258 42.73 14.75 25.32
N ALA A 259 42.54 13.88 24.33
CA ALA A 259 43.63 13.54 23.43
C ALA A 259 43.60 14.47 22.23
N MET A 260 42.40 14.94 21.90
CA MET A 260 42.21 15.91 20.81
C MET A 260 42.20 17.35 21.38
N LEU A 261 41.91 17.46 22.66
CA LEU A 261 41.96 18.73 23.37
C LEU A 261 42.80 18.60 24.65
N PRO A 262 44.13 18.81 24.54
CA PRO A 262 45.08 18.73 25.68
C PRO A 262 44.71 19.59 26.91
N GLU A 263 45.59 19.64 27.92
CA GLU A 263 45.25 20.34 29.17
C GLU A 263 45.83 21.77 29.28
N ALA A 264 47.11 21.92 28.95
CA ALA A 264 47.75 23.23 29.01
C ALA A 264 47.36 24.09 27.80
N GLU A 265 46.57 23.50 26.91
CA GLU A 265 46.10 24.25 25.76
C GLU A 265 44.61 24.54 25.84
N TRP A 266 43.83 23.69 26.52
CA TRP A 266 42.36 23.86 26.54
C TRP A 266 41.68 24.04 27.91
N GLY A 267 42.31 23.58 28.96
CA GLY A 267 41.77 23.74 30.32
C GLY A 267 40.52 22.92 30.59
N ASP A 268 39.93 23.12 31.77
CA ASP A 268 38.76 22.38 32.24
C ASP A 268 37.43 22.97 31.75
N GLU A 269 37.45 24.25 31.38
CA GLU A 269 36.23 24.96 30.99
C GLU A 269 35.36 24.27 29.91
N PRO A 270 35.98 23.76 28.83
CA PRO A 270 35.17 23.16 27.76
C PRO A 270 34.67 21.76 28.07
N PHE A 271 35.06 21.19 29.21
CA PHE A 271 34.51 19.91 29.61
C PHE A 271 33.42 20.15 30.63
N ASP A 272 33.80 20.77 31.75
CA ASP A 272 32.86 21.16 32.80
C ASP A 272 31.70 22.04 32.32
N ASN A 273 31.69 22.35 31.03
CA ASN A 273 30.57 23.06 30.41
C ASN A 273 29.66 22.10 29.68
N THR A 274 30.22 20.98 29.24
CA THR A 274 29.41 19.99 28.58
C THR A 274 28.43 19.46 29.63
N VAL A 275 28.97 18.98 30.74
CA VAL A 275 28.20 18.43 31.86
C VAL A 275 27.09 19.38 32.28
N GLU A 276 27.51 20.62 32.52
CA GLU A 276 26.69 21.65 33.14
C GLU A 276 25.56 22.10 32.23
N ILE A 277 25.76 22.06 30.91
CA ILE A 277 24.68 22.44 30.02
C ILE A 277 23.61 21.38 30.08
N ALA A 278 24.00 20.15 29.74
CA ALA A 278 23.08 19.01 29.70
C ALA A 278 22.20 18.91 30.94
N ARG A 279 22.72 19.38 32.07
CA ARG A 279 21.98 19.43 33.31
C ARG A 279 20.86 20.48 33.21
N MET A 280 21.20 21.70 32.82
CA MET A 280 20.23 22.79 32.78
C MET A 280 19.21 22.61 31.67
N CYS A 281 19.19 21.42 31.05
CA CYS A 281 18.33 21.13 29.90
C CYS A 281 17.15 20.21 30.23
N ASP A 282 16.36 20.63 31.20
CA ASP A 282 15.22 19.87 31.68
C ASP A 282 14.03 19.89 30.69
N VAL A 283 13.91 18.82 29.89
CA VAL A 283 12.86 18.67 28.84
C VAL A 283 12.03 17.38 28.99
N ASP A 284 10.72 17.55 29.09
CA ASP A 284 9.80 16.43 29.29
C ASP A 284 8.69 16.32 28.25
N LEU A 285 8.59 15.16 27.61
CA LEU A 285 7.54 14.93 26.63
C LEU A 285 6.33 14.26 27.27
N PRO A 286 5.15 14.92 27.27
CA PRO A 286 3.89 14.22 27.54
C PRO A 286 3.86 12.78 26.97
N ILE A 287 4.09 11.80 27.85
CA ILE A 287 4.16 10.36 27.51
C ILE A 287 3.95 9.48 28.75
N GLY A 288 3.25 8.36 28.57
CA GLY A 288 3.06 7.39 29.63
C GLY A 288 2.44 8.01 30.87
N ASP A 289 3.26 8.20 31.90
CA ASP A 289 2.81 8.83 33.15
C ASP A 289 1.86 10.00 32.88
N LYS A 290 2.20 10.77 31.85
CA LYS A 290 1.38 11.91 31.42
C LYS A 290 0.50 11.49 30.25
N MET A 291 0.65 12.13 29.09
CA MET A 291 -0.22 11.88 27.93
C MET A 291 -1.68 12.19 28.23
N VAL A 292 -2.12 13.38 27.86
CA VAL A 292 -3.53 13.71 27.96
C VAL A 292 -4.11 13.47 26.57
N TYR A 293 -5.35 12.96 26.51
CA TYR A 293 -6.06 12.77 25.25
C TYR A 293 -6.41 14.11 24.61
N ARG A 294 -5.81 14.35 23.46
CA ARG A 294 -6.15 15.52 22.65
C ARG A 294 -7.22 15.11 21.66
N ILE A 295 -8.42 14.88 22.18
CA ILE A 295 -9.60 14.64 21.37
C ILE A 295 -10.12 16.02 20.97
N PRO A 296 -10.22 16.31 19.66
CA PRO A 296 -10.61 17.63 19.19
C PRO A 296 -12.09 17.90 19.45
N ARG A 297 -12.43 19.18 19.61
CA ARG A 297 -13.80 19.56 19.91
C ARG A 297 -14.69 19.53 18.67
N PHE A 298 -15.98 19.40 18.92
CA PHE A 298 -16.97 19.39 17.85
C PHE A 298 -17.88 20.62 17.97
N PRO A 299 -18.21 21.25 16.82
CA PRO A 299 -19.17 22.35 16.81
C PRO A 299 -20.65 21.91 16.81
N LEU A 300 -21.51 22.64 17.54
CA LEU A 300 -22.93 22.33 17.62
C LEU A 300 -23.75 23.62 17.83
N GLY A 303 -26.51 24.40 22.09
CA GLY A 303 -27.49 23.99 23.12
C GLY A 303 -27.61 22.48 23.26
N ARG A 304 -26.51 21.79 23.01
CA ARG A 304 -26.45 20.32 23.00
C ARG A 304 -25.13 19.83 23.61
N THR A 305 -25.21 18.79 24.44
CA THR A 305 -24.01 18.16 25.00
C THR A 305 -23.33 17.41 23.87
N GLU A 306 -22.00 17.40 23.92
CA GLU A 306 -21.23 16.60 22.98
C GLU A 306 -21.83 15.19 22.91
N ALA A 307 -22.09 14.60 24.07
CA ALA A 307 -22.64 13.25 24.18
C ALA A 307 -24.11 13.16 23.78
N GLN A 308 -24.85 14.22 24.07
CA GLN A 308 -26.28 14.28 23.78
C GLN A 308 -26.55 14.06 22.30
N TYR A 309 -25.84 14.80 21.46
CA TYR A 309 -26.02 14.71 20.02
C TYR A 309 -25.81 13.28 19.57
N LEU A 310 -24.65 12.70 19.89
CA LEU A 310 -24.33 11.33 19.48
C LEU A 310 -25.47 10.40 19.85
N ARG A 311 -26.01 10.62 21.05
CA ARG A 311 -27.20 9.92 21.49
C ARG A 311 -28.34 10.16 20.50
N GLU A 312 -28.59 11.44 20.22
CA GLU A 312 -29.66 11.88 19.32
C GLU A 312 -29.52 11.19 17.97
N LEU A 313 -28.34 11.34 17.38
CA LEU A 313 -28.04 10.77 16.07
C LEU A 313 -28.26 9.28 16.04
N THR A 314 -27.97 8.60 17.14
CA THR A 314 -28.16 7.15 17.23
C THR A 314 -29.65 6.83 17.06
N PHE A 315 -30.49 7.42 17.91
CA PHE A 315 -31.91 7.12 17.86
C PHE A 315 -32.45 7.39 16.48
N LEU A 316 -32.24 8.62 16.02
CA LEU A 316 -32.72 9.06 14.73
C LEU A 316 -32.15 8.15 13.64
N GLY A 317 -31.25 7.27 14.06
CA GLY A 317 -30.57 6.36 13.15
C GLY A 317 -31.20 4.98 13.16
N LEU A 318 -31.33 4.38 14.33
CA LEU A 318 -31.89 3.02 14.43
C LEU A 318 -33.17 2.93 13.62
N LEU A 319 -34.01 3.94 13.77
CA LEU A 319 -35.27 4.03 13.08
C LEU A 319 -35.12 3.80 11.57
N ARG A 320 -34.08 4.36 10.96
CA ARG A 320 -33.74 4.10 9.57
C ARG A 320 -33.24 2.67 9.45
N ARG A 321 -32.36 2.28 10.38
CA ARG A 321 -31.58 1.05 10.28
C ARG A 321 -32.45 -0.20 10.42
N TYR A 322 -33.47 -0.11 11.27
CA TYR A 322 -34.37 -1.24 11.53
C TYR A 322 -35.85 -0.91 11.25
N PRO A 323 -36.23 -0.89 9.96
CA PRO A 323 -37.55 -0.37 9.63
C PRO A 323 -38.69 -1.09 10.36
N ASP A 324 -38.68 -2.42 10.36
CA ASP A 324 -39.84 -3.20 10.80
C ASP A 324 -39.97 -3.31 12.31
N ARG A 325 -38.87 -3.04 13.03
CA ARG A 325 -38.84 -3.30 14.49
C ARG A 325 -38.50 -2.12 15.39
N ILE A 326 -38.14 -0.98 14.80
CA ILE A 326 -38.05 0.27 15.56
C ILE A 326 -38.81 1.38 14.84
N THR A 327 -39.91 1.81 15.44
CA THR A 327 -40.89 2.67 14.77
C THR A 327 -41.10 4.02 15.43
N GLU A 328 -41.76 4.92 14.69
CA GLU A 328 -42.29 6.15 15.25
C GLU A 328 -43.04 5.80 16.52
N ALA A 329 -44.08 4.98 16.37
CA ALA A 329 -44.91 4.55 17.48
C ALA A 329 -44.11 4.00 18.66
N PHE A 330 -42.98 3.36 18.39
CA PHE A 330 -42.21 2.69 19.45
C PHE A 330 -41.58 3.66 20.44
N TYR A 331 -40.78 4.57 19.92
CA TYR A 331 -40.19 5.60 20.75
C TYR A 331 -41.29 6.26 21.61
N ARG A 332 -42.41 6.62 21.00
CA ARG A 332 -43.52 7.24 21.71
C ARG A 332 -43.93 6.43 22.94
N GLU A 333 -43.97 5.10 22.81
CA GLU A 333 -44.34 4.26 23.93
C GLU A 333 -43.35 4.39 25.09
N VAL A 334 -42.08 4.51 24.74
CA VAL A 334 -40.99 4.61 25.72
C VAL A 334 -41.13 5.87 26.60
N LEU A 335 -41.31 6.99 25.93
CA LEU A 335 -41.40 8.30 26.58
C LEU A 335 -42.69 8.52 27.38
N ARG A 336 -43.73 7.77 26.98
CA ARG A 336 -45.00 7.78 27.68
C ARG A 336 -44.92 6.73 28.80
N LEU A 337 -43.73 6.13 28.94
CA LEU A 337 -43.35 5.40 30.16
C LEU A 337 -42.38 6.24 30.99
N LEU A 338 -42.34 7.55 30.68
CA LEU A 338 -41.50 8.55 31.37
C LEU A 338 -42.00 9.98 31.11
N ASP A 346 -43.67 14.77 14.75
CA ASP A 346 -42.52 14.53 13.87
C ASP A 346 -41.66 13.34 14.35
N GLU A 347 -40.69 12.92 13.52
CA GLU A 347 -39.79 11.78 13.80
C GLU A 347 -38.49 12.20 14.55
N ARG A 348 -37.85 13.26 14.06
CA ARG A 348 -36.65 13.84 14.67
C ARG A 348 -36.91 14.32 16.10
N ALA A 349 -38.11 14.84 16.31
CA ALA A 349 -38.54 15.43 17.58
C ALA A 349 -38.53 14.45 18.75
N LEU A 350 -38.55 13.15 18.45
CA LEU A 350 -38.50 12.11 19.48
C LEU A 350 -37.07 11.82 19.92
N ALA A 351 -36.19 11.71 18.93
CA ALA A 351 -34.76 11.56 19.18
C ALA A 351 -34.25 12.68 20.07
N GLU A 352 -34.54 13.91 19.64
CA GLU A 352 -34.18 15.12 20.35
C GLU A 352 -34.53 14.98 21.84
N ALA A 353 -35.59 14.22 22.13
CA ALA A 353 -36.11 14.06 23.49
C ALA A 353 -35.54 12.83 24.21
N LEU A 354 -35.56 11.69 23.54
CA LEU A 354 -34.98 10.48 24.10
C LEU A 354 -33.53 10.73 24.48
N ALA A 355 -32.89 11.66 23.77
CA ALA A 355 -31.52 12.05 24.04
C ALA A 355 -31.33 12.50 25.48
N ARG A 356 -32.33 13.21 26.01
CA ARG A 356 -32.24 13.87 27.32
C ARG A 356 -32.66 13.03 28.52
N VAL A 357 -32.82 11.72 28.33
CA VAL A 357 -33.04 10.83 29.47
C VAL A 357 -31.67 10.57 30.10
N GLU A 358 -31.58 10.75 31.43
CA GLU A 358 -30.31 10.64 32.14
C GLU A 358 -29.97 9.19 32.46
N GLU A 359 -28.83 8.94 33.10
CA GLU A 359 -28.47 7.57 33.48
C GLU A 359 -29.10 7.08 34.80
N LYS A 360 -29.52 8.01 35.66
CA LYS A 360 -30.28 7.68 36.89
C LYS A 360 -31.74 7.37 36.54
N ALA A 361 -32.20 8.01 35.46
CA ALA A 361 -33.57 7.88 34.97
C ALA A 361 -33.78 6.66 34.06
N TRP A 362 -32.74 6.25 33.35
CA TRP A 362 -32.87 5.15 32.40
C TRP A 362 -33.08 3.79 33.07
N GLU A 363 -32.30 3.50 34.12
CA GLU A 363 -32.31 2.17 34.74
C GLU A 363 -33.56 1.81 35.57
N GLU A 364 -34.72 2.30 35.11
CA GLU A 364 -36.00 2.01 35.76
C GLU A 364 -36.97 1.41 34.75
N LEU A 365 -36.42 0.74 33.73
CA LEU A 365 -37.22 0.11 32.68
C LEU A 365 -36.87 -1.36 32.48
N ARG A 366 -35.57 -1.67 32.38
CA ARG A 366 -35.10 -3.04 32.15
C ARG A 366 -35.72 -4.04 33.14
N LYS A 367 -35.82 -3.63 34.41
CA LYS A 367 -36.38 -4.46 35.49
C LYS A 367 -37.91 -4.57 35.45
N ARG A 368 -38.54 -3.92 34.45
CA ARG A 368 -39.99 -4.02 34.21
C ARG A 368 -40.29 -4.06 32.71
N GLU A 377 -33.39 -14.11 19.75
CA GLU A 377 -34.21 -13.39 18.77
C GLU A 377 -34.14 -11.90 19.10
N TRP A 378 -33.73 -11.06 18.12
CA TRP A 378 -33.41 -9.63 18.36
C TRP A 378 -34.56 -8.59 18.36
N THR A 379 -35.30 -8.55 19.47
CA THR A 379 -36.52 -7.75 19.59
C THR A 379 -36.26 -6.27 19.59
N ALA A 380 -37.34 -5.51 19.57
CA ALA A 380 -37.30 -4.05 19.58
C ALA A 380 -36.63 -3.48 20.82
N GLU A 381 -36.86 -4.12 21.98
CA GLU A 381 -36.24 -3.72 23.24
C GLU A 381 -34.76 -4.06 23.18
N ALA A 382 -34.49 -5.32 22.85
CA ALA A 382 -33.15 -5.86 22.80
C ALA A 382 -32.25 -4.86 22.12
N ILE A 383 -32.77 -4.23 21.07
CA ILE A 383 -32.02 -3.26 20.31
C ILE A 383 -31.78 -1.99 21.13
N LEU A 384 -32.85 -1.42 21.68
CA LEU A 384 -32.72 -0.29 22.59
C LEU A 384 -31.64 -0.54 23.61
N HIS A 385 -31.80 -1.59 24.41
CA HIS A 385 -30.81 -1.93 25.45
C HIS A 385 -29.38 -1.84 24.89
N ARG A 386 -29.01 -2.78 24.04
CA ARG A 386 -27.68 -2.77 23.44
C ARG A 386 -27.29 -1.34 23.02
N ALA A 387 -28.22 -0.62 22.38
CA ALA A 387 -27.94 0.75 21.96
C ALA A 387 -27.57 1.66 23.13
N LEU A 388 -28.44 1.66 24.15
CA LEU A 388 -28.31 2.52 25.32
C LEU A 388 -27.08 2.17 26.12
N TYR A 389 -26.81 0.86 26.21
CA TYR A 389 -25.63 0.35 26.87
C TYR A 389 -24.40 0.89 26.18
N GLU A 390 -24.28 0.62 24.88
CA GLU A 390 -23.14 1.09 24.11
C GLU A 390 -22.88 2.57 24.44
N LEU A 391 -23.95 3.36 24.44
CA LEU A 391 -23.86 4.79 24.69
C LEU A 391 -23.40 5.10 26.11
N SER A 392 -23.86 4.29 27.06
CA SER A 392 -23.46 4.40 28.47
C SER A 392 -21.96 4.23 28.64
N VAL A 393 -21.43 3.23 27.94
CA VAL A 393 -20.02 2.91 27.97
C VAL A 393 -19.23 3.95 27.20
N ILE A 394 -19.85 4.49 26.15
CA ILE A 394 -19.21 5.54 25.39
C ILE A 394 -19.10 6.79 26.25
N GLU A 395 -20.23 7.25 26.77
CA GLU A 395 -20.23 8.46 27.60
C GLU A 395 -19.26 8.36 28.76
N ARG A 396 -19.37 7.29 29.55
CA ARG A 396 -18.52 7.14 30.72
C ARG A 396 -17.03 7.25 30.38
N MET A 397 -16.63 6.73 29.22
CA MET A 397 -15.21 6.65 28.86
C MET A 397 -14.57 7.97 28.43
N GLY A 398 -15.41 8.89 27.94
CA GLY A 398 -14.96 10.19 27.42
C GLY A 398 -14.84 10.25 25.89
N PHE A 399 -15.49 9.29 25.22
CA PHE A 399 -15.39 9.17 23.78
C PHE A 399 -16.68 9.48 22.99
N PRO A 400 -17.53 10.43 23.44
CA PRO A 400 -18.62 10.68 22.50
C PRO A 400 -18.17 11.58 21.35
N GLY A 401 -17.43 12.65 21.69
CA GLY A 401 -16.83 13.54 20.70
C GLY A 401 -16.20 12.76 19.57
N TYR A 402 -15.23 11.92 19.93
CA TYR A 402 -14.56 11.03 18.97
C TYR A 402 -15.54 10.48 17.94
N PHE A 403 -16.58 9.79 18.41
CA PHE A 403 -17.51 9.14 17.50
C PHE A 403 -18.14 10.13 16.53
N LEU A 404 -18.43 11.32 17.03
CA LEU A 404 -18.99 12.37 16.19
C LEU A 404 -18.04 12.71 15.07
N ILE A 405 -16.90 13.32 15.42
CA ILE A 405 -15.84 13.65 14.48
C ILE A 405 -15.74 12.61 13.37
N VAL A 406 -15.78 11.34 13.77
CA VAL A 406 -15.64 10.22 12.85
C VAL A 406 -16.87 10.07 11.98
N GLN A 407 -18.02 9.91 12.60
CA GLN A 407 -19.27 9.76 11.86
C GLN A 407 -19.42 10.86 10.82
N ASP A 408 -19.26 12.11 11.27
CA ASP A 408 -19.45 13.31 10.45
C ASP A 408 -18.73 13.26 9.10
N TYR A 409 -17.40 13.16 9.12
CA TYR A 409 -16.65 13.09 7.88
C TYR A 409 -17.06 11.91 6.97
N ILE A 410 -17.38 10.76 7.56
CA ILE A 410 -17.86 9.60 6.79
C ILE A 410 -19.20 9.86 6.11
N ASN A 411 -20.19 10.32 6.87
CA ASN A 411 -21.52 10.58 6.32
C ASN A 411 -21.54 11.72 5.33
N TRP A 412 -20.43 12.46 5.30
CA TRP A 412 -20.22 13.49 4.32
C TRP A 412 -19.85 12.80 3.03
N ALA A 413 -18.79 12.00 3.10
CA ALA A 413 -18.27 11.28 1.95
C ALA A 413 -19.36 10.52 1.20
N ARG A 414 -20.37 10.06 1.94
CA ARG A 414 -21.52 9.39 1.34
C ARG A 414 -22.24 10.32 0.38
N GLY A 415 -22.74 11.43 0.91
CA GLY A 415 -23.46 12.41 0.13
C GLY A 415 -22.62 13.12 -0.94
N HIS A 416 -21.31 12.91 -0.93
CA HIS A 416 -20.42 13.62 -1.86
C HIS A 416 -19.70 12.74 -2.90
N GLY A 417 -20.28 11.58 -3.18
CA GLY A 417 -19.76 10.64 -4.20
C GLY A 417 -18.43 10.02 -3.85
N VAL A 418 -18.34 9.51 -2.63
CA VAL A 418 -17.14 8.88 -2.14
C VAL A 418 -17.53 7.60 -1.44
N SER A 419 -17.43 6.46 -2.13
CA SER A 419 -17.81 5.18 -1.53
C SER A 419 -17.17 4.93 -0.16
N VAL A 420 -17.98 4.43 0.79
CA VAL A 420 -17.47 4.05 2.11
C VAL A 420 -17.72 2.58 2.39
N GLY A 421 -16.65 1.86 2.69
CA GLY A 421 -16.73 0.44 3.02
C GLY A 421 -17.44 0.22 4.33
N PRO A 422 -18.09 -0.96 4.49
CA PRO A 422 -18.85 -1.40 5.67
C PRO A 422 -18.08 -1.24 6.97
N GLY A 423 -16.77 -1.09 6.88
CA GLY A 423 -15.91 -0.78 8.03
C GLY A 423 -14.77 -1.76 8.11
N ARG A 424 -13.88 -1.60 9.08
CA ARG A 424 -12.84 -2.60 9.31
C ARG A 424 -12.42 -2.77 10.77
N GLY A 425 -12.00 -3.99 11.08
CA GLY A 425 -11.52 -4.34 12.41
C GLY A 425 -12.64 -4.32 13.42
N SER A 426 -12.25 -4.21 14.69
CA SER A 426 -13.17 -4.26 15.83
C SER A 426 -14.37 -3.32 15.71
N ALA A 427 -14.14 -2.14 15.12
CA ALA A 427 -15.16 -1.10 14.91
C ALA A 427 -16.56 -1.59 14.57
N ALA A 428 -16.61 -2.52 13.61
CA ALA A 428 -17.84 -3.09 13.03
C ALA A 428 -18.89 -3.51 14.04
N GLY A 429 -18.41 -4.04 15.17
CA GLY A 429 -19.22 -4.68 16.19
C GLY A 429 -19.97 -3.77 17.15
N SER A 430 -19.64 -2.48 17.14
CA SER A 430 -20.43 -1.53 17.94
C SER A 430 -21.69 -1.18 17.21
N LEU A 431 -22.82 -1.24 17.92
CA LEU A 431 -24.12 -0.89 17.35
C LEU A 431 -24.21 0.61 17.09
N VAL A 432 -23.76 1.42 18.04
CA VAL A 432 -23.76 2.87 17.84
C VAL A 432 -23.00 3.17 16.56
N ALA A 433 -21.81 2.62 16.47
CA ALA A 433 -20.99 2.76 15.27
C ALA A 433 -21.78 2.49 14.00
N TYR A 434 -22.62 1.46 14.04
CA TYR A 434 -23.43 1.08 12.89
C TYR A 434 -24.70 1.89 12.81
N ALA A 435 -25.16 2.41 13.94
CA ALA A 435 -26.39 3.21 13.95
C ALA A 435 -26.13 4.54 13.27
N VAL A 436 -24.92 5.05 13.43
CA VAL A 436 -24.60 6.37 12.95
C VAL A 436 -23.81 6.37 11.64
N GLY A 437 -23.82 5.23 10.95
CA GLY A 437 -23.20 5.09 9.63
C GLY A 437 -21.70 5.27 9.61
N ILE A 438 -21.02 4.86 10.68
CA ILE A 438 -19.56 4.72 10.68
C ILE A 438 -19.28 3.36 10.10
N THR A 439 -19.80 2.36 10.83
CA THR A 439 -19.85 0.98 10.41
C THR A 439 -21.03 0.84 9.45
N ASN A 440 -20.97 -0.13 8.55
CA ASN A 440 -22.15 -0.44 7.75
C ASN A 440 -22.48 -1.93 7.54
N ILE A 441 -22.69 -2.65 8.63
CA ILE A 441 -23.07 -4.06 8.61
C ILE A 441 -23.82 -4.27 9.91
N ASP A 442 -24.95 -4.98 9.86
CA ASP A 442 -25.78 -5.17 11.06
C ASP A 442 -25.05 -6.02 12.11
N PRO A 443 -24.56 -5.38 13.19
CA PRO A 443 -23.61 -6.02 14.05
C PRO A 443 -24.27 -7.12 14.86
N LEU A 444 -25.60 -7.11 14.88
CA LEU A 444 -26.31 -8.06 15.69
C LEU A 444 -27.06 -9.10 14.86
N ARG A 445 -27.13 -8.89 13.55
CA ARG A 445 -27.58 -9.95 12.65
C ARG A 445 -26.43 -10.95 12.48
N PHE A 446 -25.21 -10.45 12.64
CA PHE A 446 -24.08 -11.33 12.74
C PHE A 446 -23.60 -11.32 14.18
N GLY A 447 -22.57 -12.10 14.48
CA GLY A 447 -22.16 -12.31 15.85
C GLY A 447 -21.21 -11.26 16.37
N LEU A 448 -21.28 -10.05 15.81
CA LEU A 448 -20.32 -9.02 16.15
C LEU A 448 -20.52 -8.51 17.57
N LEU A 449 -19.41 -8.08 18.16
CA LEU A 449 -19.41 -7.72 19.56
C LEU A 449 -18.92 -6.31 19.81
N PHE A 450 -19.66 -5.59 20.67
CA PHE A 450 -19.31 -4.22 21.07
C PHE A 450 -18.12 -4.25 22.01
N GLU A 451 -18.13 -5.24 22.89
CA GLU A 451 -17.14 -5.35 23.92
C GLU A 451 -15.74 -5.63 23.35
N ARG A 452 -15.64 -6.07 22.09
CA ARG A 452 -14.33 -6.24 21.46
C ARG A 452 -13.78 -4.95 20.89
N PHE A 453 -14.66 -4.00 20.65
CA PHE A 453 -14.30 -2.72 20.09
C PHE A 453 -13.92 -1.67 21.15
N LEU A 454 -14.69 -1.71 22.25
CA LEU A 454 -14.50 -0.89 23.43
C LEU A 454 -14.65 -1.78 24.64
N ASN A 455 -13.55 -2.25 25.23
CA ASN A 455 -13.71 -3.00 26.47
C ASN A 455 -14.08 -2.02 27.56
N PRO A 456 -15.24 -2.23 28.19
CA PRO A 456 -15.72 -1.34 29.23
C PRO A 456 -14.81 -1.26 30.45
N GLU A 457 -13.95 -2.27 30.64
CA GLU A 457 -13.20 -2.40 31.88
C GLU A 457 -11.71 -2.11 31.76
N ARG A 458 -11.34 -1.31 30.76
CA ARG A 458 -10.01 -0.73 30.66
C ARG A 458 -10.06 0.45 29.68
N VAL A 459 -9.42 1.56 30.05
CA VAL A 459 -9.41 2.77 29.22
C VAL A 459 -8.33 2.69 28.14
N SER A 460 -8.77 2.71 26.88
CA SER A 460 -7.87 2.65 25.73
C SER A 460 -8.51 3.24 24.47
N MET A 461 -7.80 4.18 23.86
CA MET A 461 -8.22 4.82 22.63
C MET A 461 -8.64 3.77 21.60
N PRO A 462 -9.94 3.74 21.26
CA PRO A 462 -10.42 2.80 20.26
C PRO A 462 -10.07 3.32 18.88
N ASP A 463 -9.51 2.48 18.04
CA ASP A 463 -9.19 2.94 16.72
C ASP A 463 -10.32 2.63 15.75
N ILE A 464 -10.80 3.67 15.06
CA ILE A 464 -11.79 3.48 14.00
C ILE A 464 -11.16 3.77 12.65
N ASP A 465 -10.83 2.69 11.96
CA ASP A 465 -10.29 2.78 10.62
C ASP A 465 -11.47 2.68 9.69
N THR A 466 -11.35 3.28 8.51
CA THR A 466 -12.43 3.23 7.53
C THR A 466 -11.88 3.09 6.14
N ASP A 467 -12.60 2.38 5.29
CA ASP A 467 -12.21 2.22 3.91
C ASP A 467 -12.82 3.32 3.06
N PHE A 468 -12.24 3.56 1.90
CA PHE A 468 -12.77 4.53 0.96
C PHE A 468 -12.48 4.14 -0.46
N SER A 469 -13.39 4.52 -1.35
CA SER A 469 -13.16 4.48 -2.78
C SER A 469 -11.78 5.12 -2.96
N ASP A 470 -10.82 4.36 -3.45
CA ASP A 470 -9.44 4.85 -3.52
C ASP A 470 -9.23 6.07 -4.44
N ARG A 471 -9.98 6.13 -5.53
CA ARG A 471 -9.98 7.29 -6.42
C ARG A 471 -10.23 8.56 -5.59
N GLU A 472 -11.20 8.47 -4.68
CA GLU A 472 -11.76 9.63 -3.98
C GLU A 472 -11.26 9.85 -2.55
N ARG A 473 -10.41 8.97 -2.05
CA ARG A 473 -9.96 9.03 -0.66
C ARG A 473 -9.44 10.39 -0.21
N ASP A 474 -8.49 10.94 -0.96
CA ASP A 474 -7.84 12.20 -0.60
C ASP A 474 -8.84 13.32 -0.34
N ARG A 475 -9.94 13.34 -1.09
CA ARG A 475 -10.97 14.38 -0.94
C ARG A 475 -11.57 14.41 0.44
N VAL A 476 -11.69 13.23 1.04
CA VAL A 476 -12.15 13.11 2.41
C VAL A 476 -11.11 13.75 3.31
N ILE A 477 -9.84 13.32 3.20
CA ILE A 477 -8.73 13.98 3.93
C ILE A 477 -8.87 15.50 3.83
N GLN A 478 -9.15 15.98 2.62
CA GLN A 478 -9.33 17.42 2.34
C GLN A 478 -10.52 18.00 3.06
N TYR A 479 -11.59 17.22 3.14
CA TYR A 479 -12.73 17.61 3.94
C TYR A 479 -12.26 17.85 5.36
N VAL A 480 -11.60 16.85 5.96
CA VAL A 480 -11.09 16.99 7.31
C VAL A 480 -10.18 18.21 7.37
N ARG A 481 -9.17 18.24 6.50
CA ARG A 481 -8.20 19.34 6.46
C ARG A 481 -8.86 20.70 6.61
N GLU A 482 -9.79 21.02 5.72
CA GLU A 482 -10.50 22.30 5.72
C GLU A 482 -11.43 22.44 6.93
N ARG A 483 -12.05 21.33 7.31
CA ARG A 483 -13.08 21.31 8.35
C ARG A 483 -12.52 21.49 9.77
N TYR A 484 -11.36 20.91 10.07
CA TYR A 484 -10.83 20.99 11.42
C TYR A 484 -9.66 21.97 11.57
N GLY A 485 -9.14 22.42 10.43
CA GLY A 485 -8.03 23.36 10.41
C GLY A 485 -6.87 22.85 9.59
N GLU A 486 -6.29 23.74 8.79
CA GLU A 486 -5.19 23.37 7.92
C GLU A 486 -3.93 23.07 8.74
N ASP A 487 -3.93 23.55 9.98
CA ASP A 487 -2.79 23.45 10.89
C ASP A 487 -2.97 22.36 11.94
N LYS A 488 -4.09 21.65 11.88
CA LYS A 488 -4.39 20.65 12.90
C LYS A 488 -4.48 19.28 12.25
N VAL A 489 -4.32 19.24 10.94
CA VAL A 489 -4.59 18.02 10.22
C VAL A 489 -3.43 17.63 9.32
N ALA A 490 -2.93 16.42 9.52
CA ALA A 490 -1.78 15.92 8.76
C ALA A 490 -1.86 14.43 8.57
N GLN A 491 -1.11 13.96 7.58
CA GLN A 491 -0.88 12.53 7.43
C GLN A 491 0.40 12.16 8.18
N ILE A 492 0.42 10.93 8.71
CA ILE A 492 1.49 10.42 9.56
C ILE A 492 2.71 9.95 8.74
N GLY A 493 3.91 10.10 9.30
CA GLY A 493 5.13 9.68 8.63
C GLY A 493 5.35 8.19 8.75
N THR A 494 6.18 7.65 7.88
CA THR A 494 6.59 6.26 7.93
C THR A 494 8.04 6.17 7.53
N PHE A 495 8.78 5.34 8.26
CA PHE A 495 10.21 5.14 7.99
C PHE A 495 10.54 3.66 7.88
N GLY A 496 10.78 3.21 6.65
CA GLY A 496 11.14 1.84 6.38
C GLY A 496 12.42 1.44 7.09
N SER A 497 12.52 0.16 7.41
CA SER A 497 13.72 -0.41 8.01
C SER A 497 14.57 -1.04 6.91
N LEU A 498 15.89 -0.87 7.01
CA LEU A 498 16.81 -1.63 6.19
C LEU A 498 16.57 -3.08 6.58
N ALA A 499 16.40 -3.96 5.58
CA ALA A 499 16.15 -5.39 5.81
C ALA A 499 17.44 -6.20 5.80
N SER A 500 17.57 -7.12 6.75
CA SER A 500 18.76 -7.97 6.82
C SER A 500 19.09 -8.57 5.47
N LYS A 501 18.11 -9.16 4.80
CA LYS A 501 18.26 -9.59 3.40
C LYS A 501 18.85 -8.50 2.49
N ALA A 502 18.14 -7.38 2.36
CA ALA A 502 18.58 -6.29 1.49
C ALA A 502 19.92 -5.70 1.92
N ALA A 503 20.11 -5.55 3.23
CA ALA A 503 21.33 -4.96 3.77
C ALA A 503 22.56 -5.60 3.13
N LEU A 504 22.59 -6.93 3.17
CA LEU A 504 23.68 -7.74 2.66
C LEU A 504 23.90 -7.54 1.18
N LYS A 505 22.83 -7.31 0.44
CA LYS A 505 22.95 -7.02 -0.98
C LYS A 505 23.78 -5.74 -1.13
N ASP A 506 23.20 -4.62 -0.69
CA ASP A 506 23.78 -3.30 -0.91
C ASP A 506 25.23 -3.18 -0.51
N VAL A 507 25.62 -3.90 0.54
CA VAL A 507 26.99 -3.89 1.00
C VAL A 507 27.87 -4.56 -0.03
N ALA A 508 27.39 -5.70 -0.53
CA ALA A 508 28.14 -6.49 -1.51
C ALA A 508 28.34 -5.78 -2.85
N ARG A 509 27.35 -4.98 -3.27
CA ARG A 509 27.50 -4.10 -4.44
C ARG A 509 28.76 -3.28 -4.24
N VAL A 510 28.85 -2.67 -3.06
CA VAL A 510 29.96 -1.79 -2.69
C VAL A 510 31.29 -2.52 -2.77
N TYR A 511 31.32 -3.77 -2.30
CA TYR A 511 32.60 -4.48 -2.16
C TYR A 511 33.19 -5.09 -3.43
N GLY A 512 32.69 -4.65 -4.59
CA GLY A 512 33.18 -5.14 -5.89
C GLY A 512 32.98 -6.64 -6.03
N ILE A 513 31.71 -7.05 -5.99
CA ILE A 513 31.34 -8.47 -5.97
C ILE A 513 30.40 -8.81 -7.12
N PRO A 514 30.64 -9.96 -7.80
CA PRO A 514 29.70 -10.51 -8.77
C PRO A 514 28.28 -10.73 -8.18
N HIS A 515 27.29 -10.07 -8.79
CA HIS A 515 25.87 -10.07 -8.39
C HIS A 515 25.32 -11.45 -7.99
N LYS A 516 25.73 -12.48 -8.73
CA LYS A 516 25.21 -13.83 -8.52
C LYS A 516 25.49 -14.39 -7.12
N LYS A 517 26.77 -14.49 -6.74
CA LYS A 517 27.16 -15.03 -5.42
C LYS A 517 26.58 -14.17 -4.31
N ALA A 518 26.31 -12.91 -4.64
CA ALA A 518 25.58 -12.01 -3.77
C ALA A 518 24.23 -12.64 -3.45
N GLU A 519 23.45 -12.93 -4.48
CA GLU A 519 22.14 -13.55 -4.30
C GLU A 519 22.23 -14.98 -3.74
N GLU A 520 23.39 -15.62 -3.92
CA GLU A 520 23.64 -16.91 -3.28
C GLU A 520 23.89 -16.76 -1.78
N LEU A 521 24.20 -15.53 -1.36
CA LEU A 521 24.35 -15.21 0.04
C LEU A 521 23.02 -14.79 0.65
N ALA A 522 22.18 -14.17 -0.16
CA ALA A 522 20.86 -13.72 0.30
C ALA A 522 19.93 -14.88 0.66
N LYS A 523 20.02 -15.97 -0.11
CA LYS A 523 19.13 -17.13 0.06
C LYS A 523 19.51 -18.05 1.23
N LEU A 524 20.61 -17.74 1.90
CA LEU A 524 20.99 -18.41 3.14
C LEU A 524 20.00 -18.01 4.22
N ILE A 525 19.94 -16.70 4.44
CA ILE A 525 19.15 -16.06 5.47
C ILE A 525 17.70 -16.54 5.44
N PRO A 526 17.15 -16.89 6.61
CA PRO A 526 15.82 -17.49 6.70
C PRO A 526 14.68 -16.50 6.45
N VAL A 527 13.47 -17.02 6.38
CA VAL A 527 12.26 -16.22 6.20
C VAL A 527 11.22 -16.76 7.19
N GLN A 528 11.27 -16.29 8.43
CA GLN A 528 10.44 -16.86 9.49
C GLN A 528 8.97 -16.43 9.43
N PHE A 529 8.74 -15.15 9.13
CA PHE A 529 7.39 -14.67 8.91
C PHE A 529 7.42 -13.41 8.06
N GLY A 530 6.90 -13.53 6.84
CA GLY A 530 6.84 -12.44 5.88
C GLY A 530 8.21 -11.90 5.50
N LYS A 531 8.88 -11.32 6.50
CA LYS A 531 10.17 -10.68 6.31
C LYS A 531 11.33 -11.54 6.84
N PRO A 532 12.55 -11.35 6.29
CA PRO A 532 13.80 -12.02 6.67
C PRO A 532 14.21 -11.90 8.14
N LYS A 533 14.84 -12.97 8.65
CA LYS A 533 15.40 -13.01 10.00
C LYS A 533 16.59 -12.05 10.08
N PRO A 534 16.79 -11.42 11.26
CA PRO A 534 17.99 -10.63 11.54
C PRO A 534 19.31 -11.39 11.32
N LEU A 535 20.36 -10.67 10.93
CA LEU A 535 21.69 -11.27 10.73
C LEU A 535 22.41 -11.55 12.03
N GLN A 536 21.72 -11.32 13.16
CA GLN A 536 22.27 -11.57 14.49
C GLN A 536 22.40 -13.07 14.76
N GLU A 537 21.33 -13.82 14.48
CA GLU A 537 21.29 -15.27 14.70
C GLU A 537 21.94 -16.07 13.57
N ALA A 538 21.87 -15.53 12.35
CA ALA A 538 22.43 -16.17 11.16
C ALA A 538 23.96 -16.31 11.21
N GLU A 544 23.06 -20.23 9.71
CA GLU A 544 23.81 -21.38 10.23
C GLU A 544 24.71 -22.15 9.22
N LEU A 545 24.91 -21.59 8.02
CA LEU A 545 25.98 -22.01 7.12
C LEU A 545 27.04 -20.91 7.13
N ARG A 546 27.44 -20.51 8.34
CA ARG A 546 28.37 -19.40 8.57
C ARG A 546 29.78 -19.67 8.04
N ALA A 547 30.11 -20.94 7.83
CA ALA A 547 31.41 -21.34 7.31
C ALA A 547 31.76 -20.63 5.99
N GLU A 548 30.77 -20.01 5.37
CA GLU A 548 30.93 -19.20 4.16
C GLU A 548 31.75 -17.92 4.41
N MET A 549 31.81 -17.51 5.69
CA MET A 549 32.67 -16.41 6.15
C MET A 549 34.16 -16.77 6.03
N GLU A 550 34.53 -17.88 6.68
CA GLU A 550 35.93 -18.30 6.81
C GLU A 550 36.65 -18.57 5.50
N LYS A 551 35.89 -18.65 4.39
CA LYS A 551 36.47 -18.86 3.08
C LYS A 551 37.18 -17.59 2.57
N ASP A 552 36.44 -16.49 2.50
CA ASP A 552 36.96 -15.26 1.92
C ASP A 552 36.99 -14.16 2.98
N GLU A 553 38.12 -13.45 3.06
CA GLU A 553 38.24 -12.29 3.95
C GLU A 553 37.42 -11.09 3.46
N ARG A 554 37.12 -11.06 2.16
CA ARG A 554 36.22 -10.06 1.59
C ARG A 554 34.86 -10.18 2.25
N ILE A 555 34.31 -11.39 2.18
CA ILE A 555 32.99 -11.68 2.70
C ILE A 555 32.90 -11.45 4.21
N ARG A 556 33.97 -11.77 4.93
CA ARG A 556 34.03 -11.52 6.37
C ARG A 556 33.39 -10.19 6.73
N GLN A 557 33.98 -9.09 6.24
CA GLN A 557 33.47 -7.76 6.51
C GLN A 557 32.01 -7.65 6.05
N VAL A 558 31.77 -7.92 4.77
CA VAL A 558 30.44 -7.77 4.14
C VAL A 558 29.32 -8.22 5.08
N ILE A 559 29.51 -9.36 5.71
CA ILE A 559 28.54 -9.94 6.63
C ILE A 559 28.41 -9.14 7.92
N GLU A 560 29.55 -8.75 8.50
CA GLU A 560 29.52 -7.92 9.70
C GLU A 560 28.86 -6.59 9.35
N VAL A 561 29.44 -5.89 8.38
CA VAL A 561 28.95 -4.59 7.96
C VAL A 561 27.41 -4.59 7.79
N ALA A 562 26.89 -5.61 7.13
CA ALA A 562 25.45 -5.74 6.94
C ALA A 562 24.64 -5.79 8.23
N MET A 563 25.18 -6.44 9.26
CA MET A 563 24.52 -6.48 10.58
C MET A 563 24.81 -5.22 11.41
N ARG A 564 25.89 -4.53 11.04
CA ARG A 564 26.27 -3.29 11.69
C ARG A 564 25.37 -2.19 11.14
N LEU A 565 24.73 -2.48 10.01
CA LEU A 565 23.79 -1.55 9.38
C LEU A 565 22.32 -1.95 9.52
N GLU A 566 22.07 -3.17 9.98
CA GLU A 566 20.74 -3.75 9.95
C GLU A 566 19.60 -2.78 10.23
N GLY A 567 19.62 -2.16 11.41
CA GLY A 567 18.47 -1.39 11.90
C GLY A 567 18.20 -0.01 11.31
N LEU A 568 19.05 0.41 10.38
CA LEU A 568 19.00 1.76 9.81
C LEU A 568 17.74 2.09 9.00
N ASN A 569 17.74 3.27 8.38
CA ASN A 569 16.54 3.76 7.72
C ASN A 569 16.72 4.16 6.25
N ARG A 570 15.63 4.00 5.49
CA ARG A 570 15.56 4.45 4.10
C ARG A 570 15.14 5.92 4.05
N HIS A 571 13.99 6.21 3.44
CA HIS A 571 13.45 7.58 3.41
C HIS A 571 12.04 7.67 4.02
N ALA A 572 11.44 8.86 3.97
CA ALA A 572 10.17 9.15 4.65
C ALA A 572 8.94 9.20 3.73
N SER A 573 8.29 8.05 3.59
CA SER A 573 7.04 7.94 2.84
C SER A 573 5.89 8.34 3.72
N VAL A 574 4.84 8.88 3.11
CA VAL A 574 3.59 9.10 3.80
C VAL A 574 3.01 7.73 4.00
N HIS A 575 2.29 7.53 5.09
CA HIS A 575 1.55 6.29 5.23
C HIS A 575 0.32 6.43 4.35
N ALA A 576 -0.04 5.34 3.67
CA ALA A 576 -1.25 5.31 2.87
C ALA A 576 -2.44 5.78 3.73
N ALA A 577 -2.59 5.16 4.91
CA ALA A 577 -3.75 5.36 5.76
C ALA A 577 -3.63 6.47 6.81
N GLY A 578 -2.46 6.61 7.41
CA GLY A 578 -2.25 7.54 8.49
C GLY A 578 -2.80 8.94 8.28
N VAL A 579 -3.64 9.37 9.22
CA VAL A 579 -4.13 10.73 9.34
C VAL A 579 -4.18 11.13 10.81
N VAL A 580 -4.01 12.42 11.08
CA VAL A 580 -4.08 12.93 12.44
C VAL A 580 -5.04 14.09 12.48
N ILE A 581 -5.82 14.17 13.55
CA ILE A 581 -6.57 15.39 13.80
C ILE A 581 -6.21 15.84 15.19
N ALA A 582 -5.38 16.86 15.29
CA ALA A 582 -5.01 17.41 16.59
C ALA A 582 -6.10 18.33 17.13
N ALA A 583 -6.03 18.63 18.43
CA ALA A 583 -6.97 19.55 19.02
C ALA A 583 -6.36 20.94 19.10
N GLU A 584 -5.05 20.98 19.31
CA GLU A 584 -4.29 22.22 19.30
C GLU A 584 -3.47 22.27 18.01
N PRO A 585 -2.98 23.46 17.63
CA PRO A 585 -2.17 23.53 16.41
C PRO A 585 -1.04 22.50 16.45
N LEU A 586 -0.85 21.78 15.35
CA LEU A 586 0.13 20.69 15.29
C LEU A 586 1.53 21.16 15.61
N THR A 587 1.97 22.16 14.85
CA THR A 587 3.25 22.84 15.01
C THR A 587 3.65 22.94 16.48
N ASP A 588 2.64 23.02 17.35
CA ASP A 588 2.79 23.14 18.81
C ASP A 588 3.08 21.84 19.57
N LEU A 589 3.46 20.77 18.87
CA LEU A 589 3.79 19.50 19.53
C LEU A 589 4.42 18.45 18.64
N VAL A 590 4.07 18.50 17.36
CA VAL A 590 4.42 17.46 16.43
C VAL A 590 4.85 18.07 15.11
N PRO A 591 6.08 17.80 14.66
CA PRO A 591 6.65 18.52 13.50
C PRO A 591 6.11 18.03 12.16
N LEU A 592 6.32 18.82 11.10
CA LEU A 592 5.70 18.51 9.81
C LEU A 592 6.63 18.51 8.59
N MET A 593 6.08 18.04 7.47
CA MET A 593 6.82 17.86 6.22
C MET A 593 5.81 18.00 5.11
N ARG A 594 6.25 18.41 3.93
CA ARG A 594 5.36 18.24 2.81
C ARG A 594 6.05 17.35 1.79
N ASP A 595 5.36 16.26 1.41
CA ASP A 595 5.90 15.26 0.49
C ASP A 595 5.76 15.73 -0.95
N GLN A 596 6.36 14.99 -1.86
CA GLN A 596 6.49 15.44 -3.25
C GLN A 596 5.22 15.98 -3.89
N GLU A 597 4.08 15.47 -3.46
CA GLU A 597 2.83 15.92 -3.99
C GLU A 597 2.08 16.68 -2.89
N GLY A 598 2.78 17.58 -2.20
CA GLY A 598 2.16 18.48 -1.23
C GLY A 598 1.22 17.97 -0.15
N ARG A 599 1.62 16.90 0.54
CA ARG A 599 0.86 16.38 1.68
C ARG A 599 1.45 16.87 2.98
N PRO A 600 0.62 17.49 3.84
CA PRO A 600 1.10 17.78 5.19
C PRO A 600 1.32 16.46 5.95
N VAL A 601 2.59 16.22 6.25
CA VAL A 601 3.05 14.95 6.81
C VAL A 601 3.71 15.14 8.17
N THR A 602 3.51 14.18 9.04
CA THR A 602 4.06 14.24 10.36
C THR A 602 5.47 13.67 10.37
N GLN A 603 6.38 14.27 11.13
CA GLN A 603 7.74 13.76 11.24
C GLN A 603 7.88 12.62 12.24
N TYR A 604 6.94 12.51 13.18
CA TYR A 604 6.89 11.40 14.14
C TYR A 604 6.11 10.22 13.57
N ASP A 605 6.58 8.99 13.79
CA ASP A 605 5.91 7.80 13.23
C ASP A 605 4.61 7.36 13.93
N MET A 606 3.85 6.49 13.27
CA MET A 606 2.62 5.89 13.83
C MET A 606 2.52 5.90 15.35
N GLY A 607 3.31 5.01 15.97
CA GLY A 607 3.36 4.82 17.41
C GLY A 607 3.73 6.10 18.14
N ALA A 608 4.86 6.69 17.78
CA ALA A 608 5.31 7.97 18.34
C ALA A 608 4.19 9.02 18.42
N VAL A 609 3.42 9.17 17.33
CA VAL A 609 2.24 10.04 17.37
C VAL A 609 1.31 9.51 18.44
N GLU A 610 0.80 8.30 18.25
CA GLU A 610 -0.14 7.74 19.20
C GLU A 610 0.35 7.75 20.65
N ALA A 611 1.66 7.80 20.84
CA ALA A 611 2.24 7.83 22.17
C ALA A 611 2.13 9.22 22.79
N LEU A 612 2.12 10.24 21.94
CA LEU A 612 1.88 11.60 22.39
C LEU A 612 0.39 11.83 22.68
N GLY A 613 -0.42 10.82 22.35
CA GLY A 613 -1.86 10.81 22.63
C GLY A 613 -2.67 11.71 21.74
N LEU A 614 -2.65 11.43 20.44
CA LEU A 614 -3.37 12.26 19.49
C LEU A 614 -4.40 11.41 18.80
N LEU A 615 -5.46 12.06 18.34
CA LEU A 615 -6.48 11.33 17.61
C LEU A 615 -5.89 10.89 16.26
N LYS A 616 -5.82 9.58 16.07
CA LYS A 616 -5.26 9.01 14.85
C LYS A 616 -6.30 8.11 14.19
N MET A 617 -6.23 7.99 12.87
CA MET A 617 -7.19 7.20 12.08
C MET A 617 -6.59 6.75 10.76
N ASP A 618 -7.02 5.57 10.31
CA ASP A 618 -6.66 5.08 8.99
C ASP A 618 -7.74 5.48 7.97
N PHE A 619 -7.32 6.08 6.86
CA PHE A 619 -8.22 6.32 5.76
C PHE A 619 -7.62 5.53 4.64
N LEU A 620 -7.76 4.21 4.67
CA LEU A 620 -7.27 3.32 3.60
C LEU A 620 -7.91 3.61 2.25
N GLY A 621 -7.14 3.41 1.17
CA GLY A 621 -7.70 3.39 -0.19
C GLY A 621 -8.03 1.94 -0.55
N LEU A 622 -9.13 1.70 -1.25
CA LEU A 622 -9.52 0.33 -1.51
C LEU A 622 -10.11 0.07 -2.90
N ARG A 623 -9.33 -0.58 -3.78
CA ARG A 623 -9.74 -0.80 -5.17
C ARG A 623 -11.14 -1.31 -5.29
N THR A 624 -11.44 -2.38 -4.58
CA THR A 624 -12.76 -2.98 -4.62
C THR A 624 -13.91 -1.96 -4.57
N LEU A 625 -13.77 -0.94 -3.73
CA LEU A 625 -14.79 0.09 -3.65
C LEU A 625 -14.94 0.83 -4.99
N THR A 626 -13.84 1.37 -5.52
CA THR A 626 -13.85 2.08 -6.79
C THR A 626 -14.43 1.24 -7.91
N PHE A 627 -14.13 -0.04 -7.88
CA PHE A 627 -14.69 -0.99 -8.82
C PHE A 627 -16.21 -1.16 -8.68
N LEU A 628 -16.71 -1.09 -7.44
CA LEU A 628 -18.14 -1.15 -7.23
C LEU A 628 -18.81 0.11 -7.78
N ASP A 629 -18.08 1.21 -7.76
CA ASP A 629 -18.60 2.48 -8.23
C ASP A 629 -18.77 2.47 -9.72
N GLU A 630 -17.70 2.18 -10.46
CA GLU A 630 -17.76 2.15 -11.92
C GLU A 630 -18.72 1.07 -12.45
N ALA A 631 -18.82 -0.06 -11.74
CA ALA A 631 -19.81 -1.07 -12.11
C ALA A 631 -21.20 -0.43 -12.11
N ARG A 632 -21.64 0.03 -10.93
CA ARG A 632 -22.94 0.68 -10.73
C ARG A 632 -23.24 1.79 -11.74
N ARG A 633 -22.20 2.51 -12.15
CA ARG A 633 -22.36 3.53 -13.17
C ARG A 633 -22.61 2.84 -14.49
N ILE A 634 -21.84 1.80 -14.76
CA ILE A 634 -21.97 1.10 -16.04
C ILE A 634 -23.30 0.35 -16.14
N VAL A 635 -23.70 -0.23 -15.02
CA VAL A 635 -24.98 -0.90 -14.84
C VAL A 635 -26.18 0.06 -15.02
N LYS A 636 -26.10 1.24 -14.41
CA LYS A 636 -27.15 2.25 -14.49
C LYS A 636 -27.31 2.68 -15.92
N GLU A 637 -26.24 2.58 -16.69
CA GLU A 637 -26.26 3.03 -18.08
C GLU A 637 -26.74 1.92 -18.98
N SER A 638 -26.29 0.71 -18.70
CA SER A 638 -26.65 -0.44 -19.49
C SER A 638 -28.16 -0.67 -19.44
N LYS A 639 -28.66 -1.03 -18.26
CA LYS A 639 -30.08 -1.45 -18.10
C LYS A 639 -30.99 -0.60 -17.18
N GLY A 640 -30.48 0.56 -16.76
CA GLY A 640 -31.27 1.51 -15.97
C GLY A 640 -31.65 0.92 -14.64
N VAL A 641 -30.66 0.43 -13.92
CA VAL A 641 -30.88 -0.25 -12.65
C VAL A 641 -30.07 0.39 -11.53
N GLU A 642 -30.74 0.84 -10.48
CA GLU A 642 -30.05 1.40 -9.34
C GLU A 642 -29.49 0.30 -8.45
N LEU A 643 -28.17 0.12 -8.45
CA LEU A 643 -27.54 -0.89 -7.58
C LEU A 643 -27.28 -0.38 -6.17
N ASP A 644 -28.23 -0.59 -5.27
CA ASP A 644 -28.17 -0.01 -3.93
C ASP A 644 -27.47 -0.95 -2.97
N TYR A 645 -26.14 -0.98 -3.01
CA TYR A 645 -25.36 -2.02 -2.31
C TYR A 645 -25.75 -2.28 -0.86
N ASP A 646 -26.24 -1.24 -0.18
CA ASP A 646 -26.56 -1.35 1.24
C ASP A 646 -28.00 -1.84 1.45
N ARG A 647 -28.56 -2.49 0.43
CA ARG A 647 -29.95 -2.93 0.43
C ARG A 647 -30.18 -4.17 -0.42
N LEU A 648 -29.13 -4.94 -0.64
CA LEU A 648 -29.25 -6.17 -1.41
C LEU A 648 -29.46 -7.35 -0.50
N PRO A 649 -30.34 -8.31 -0.90
CA PRO A 649 -30.42 -9.57 -0.14
C PRO A 649 -29.09 -10.36 -0.13
N LEU A 650 -28.82 -11.01 1.01
CA LEU A 650 -27.56 -11.69 1.28
C LEU A 650 -27.80 -13.20 1.27
N ASP A 651 -28.90 -13.57 0.61
CA ASP A 651 -29.30 -14.96 0.47
C ASP A 651 -29.57 -15.24 -1.00
N ASP A 652 -29.06 -14.36 -1.86
CA ASP A 652 -29.26 -14.49 -3.30
C ASP A 652 -28.54 -15.68 -3.92
N PRO A 653 -29.32 -16.67 -4.39
CA PRO A 653 -28.76 -17.93 -4.86
C PRO A 653 -27.69 -17.73 -5.90
N LYS A 654 -28.04 -17.14 -7.05
CA LYS A 654 -27.12 -17.08 -8.19
C LYS A 654 -25.75 -16.50 -7.86
N THR A 655 -25.63 -15.84 -6.71
CA THR A 655 -24.35 -15.32 -6.21
C THR A 655 -23.50 -16.44 -5.67
N PHE A 656 -24.04 -17.18 -4.71
CA PHE A 656 -23.30 -18.27 -4.12
C PHE A 656 -22.98 -19.35 -5.15
N GLU A 657 -23.97 -19.74 -5.97
CA GLU A 657 -23.77 -20.75 -7.03
C GLU A 657 -22.56 -20.47 -7.93
N LEU A 658 -22.21 -19.19 -8.09
CA LEU A 658 -21.01 -18.81 -8.82
C LEU A 658 -19.81 -19.15 -7.97
N LEU A 659 -19.67 -18.52 -6.82
CA LEU A 659 -18.57 -18.81 -5.91
C LEU A 659 -18.43 -20.32 -5.74
N SER A 660 -19.54 -21.03 -5.75
CA SER A 660 -19.50 -22.48 -5.65
C SER A 660 -18.96 -23.11 -6.93
N ARG A 661 -19.31 -22.57 -8.09
CA ARG A 661 -18.71 -23.03 -9.34
C ARG A 661 -17.25 -22.58 -9.47
N GLY A 662 -16.79 -21.80 -8.48
CA GLY A 662 -15.42 -21.30 -8.39
C GLY A 662 -15.00 -20.32 -9.48
N GLU A 663 -15.85 -19.35 -9.77
CA GLU A 663 -15.59 -18.39 -10.84
C GLU A 663 -15.19 -17.05 -10.26
N THR A 664 -14.33 -17.13 -9.24
CA THR A 664 -13.93 -16.02 -8.42
C THR A 664 -13.17 -14.92 -9.14
N LYS A 665 -12.54 -15.26 -10.27
CA LYS A 665 -11.59 -14.37 -10.97
C LYS A 665 -11.59 -12.90 -10.50
N GLY A 666 -12.72 -12.20 -10.64
CA GLY A 666 -12.78 -10.78 -10.31
C GLY A 666 -13.27 -10.43 -8.92
N VAL A 667 -13.55 -11.46 -8.12
CA VAL A 667 -14.20 -11.27 -6.82
C VAL A 667 -13.24 -11.08 -5.66
N PHE A 668 -13.36 -9.90 -5.04
CA PHE A 668 -12.59 -9.48 -3.88
C PHE A 668 -12.17 -10.59 -2.96
N GLN A 669 -10.91 -10.54 -2.51
CA GLN A 669 -10.45 -11.34 -1.36
C GLN A 669 -10.18 -12.82 -1.67
N LEU A 670 -11.19 -13.51 -2.14
CA LEU A 670 -11.02 -14.88 -2.57
C LEU A 670 -10.64 -14.95 -4.06
N GLU A 671 -9.50 -14.34 -4.40
CA GLU A 671 -8.94 -14.37 -5.75
C GLU A 671 -7.74 -15.31 -5.84
N SER A 672 -7.21 -15.67 -4.68
CA SER A 672 -5.98 -16.48 -4.53
C SER A 672 -5.92 -17.69 -5.45
N GLY A 673 -4.72 -17.99 -5.96
CA GLY A 673 -4.46 -19.25 -6.63
C GLY A 673 -5.16 -20.35 -5.85
N GLY A 674 -4.69 -20.59 -4.62
CA GLY A 674 -5.25 -21.63 -3.75
C GLY A 674 -6.67 -21.42 -3.25
N MET A 675 -6.93 -20.27 -2.63
CA MET A 675 -8.23 -19.99 -2.04
C MET A 675 -9.41 -20.32 -2.96
N THR A 676 -9.25 -20.03 -4.26
CA THR A 676 -10.25 -20.39 -5.25
C THR A 676 -10.61 -21.87 -5.16
N ALA A 677 -9.59 -22.72 -5.26
CA ALA A 677 -9.77 -24.16 -5.18
C ALA A 677 -10.61 -24.51 -3.97
N THR A 678 -10.25 -23.99 -2.80
CA THR A 678 -11.00 -24.25 -1.57
C THR A 678 -12.51 -24.02 -1.76
N VAL A 679 -12.90 -22.81 -2.17
CA VAL A 679 -14.31 -22.49 -2.37
C VAL A 679 -15.06 -23.51 -3.22
N ARG A 680 -14.51 -23.85 -4.39
CA ARG A 680 -15.08 -24.89 -5.28
C ARG A 680 -15.39 -26.23 -4.59
N GLY A 681 -14.84 -26.40 -3.39
CA GLY A 681 -15.05 -27.59 -2.61
C GLY A 681 -15.99 -27.32 -1.46
N LEU A 682 -15.94 -26.09 -0.95
CA LEU A 682 -16.81 -25.70 0.14
C LEU A 682 -18.22 -25.45 -0.35
N LYS A 683 -18.35 -24.85 -1.55
CA LYS A 683 -19.65 -24.52 -2.15
C LYS A 683 -20.55 -23.79 -1.15
N PRO A 684 -20.14 -22.59 -0.71
CA PRO A 684 -20.77 -21.92 0.40
C PRO A 684 -22.16 -21.41 0.03
N ARG A 685 -23.12 -21.59 0.93
CA ARG A 685 -24.51 -21.23 0.66
C ARG A 685 -24.98 -19.90 1.26
N ARG A 686 -24.38 -19.47 2.35
CA ARG A 686 -24.76 -18.20 3.00
C ARG A 686 -23.52 -17.41 3.42
N LEU A 687 -23.66 -16.09 3.55
CA LEU A 687 -22.52 -15.22 3.82
C LEU A 687 -21.58 -15.80 4.87
N GLU A 688 -22.15 -16.22 6.00
CA GLU A 688 -21.42 -16.77 7.16
C GLU A 688 -20.46 -17.88 6.80
N ASP A 689 -20.54 -18.33 5.53
CA ASP A 689 -19.61 -19.29 5.00
C ASP A 689 -18.46 -18.54 4.38
N ILE A 690 -18.76 -17.53 3.57
CA ILE A 690 -17.69 -16.69 3.02
C ILE A 690 -16.88 -16.13 4.18
N ILE A 691 -17.57 -15.67 5.21
CA ILE A 691 -16.93 -15.11 6.39
C ILE A 691 -15.97 -16.11 7.02
N ALA A 692 -16.43 -17.36 7.19
CA ALA A 692 -15.63 -18.38 7.85
C ALA A 692 -14.59 -18.97 6.93
N LEU A 693 -14.82 -18.88 5.64
CA LEU A 693 -13.85 -19.36 4.69
C LEU A 693 -12.68 -18.43 4.85
N VAL A 694 -12.87 -17.19 4.41
CA VAL A 694 -11.89 -16.09 4.56
C VAL A 694 -11.08 -16.16 5.85
N SER A 695 -11.78 -16.38 6.96
CA SER A 695 -11.20 -16.37 8.29
C SER A 695 -10.24 -17.54 8.55
N LEU A 696 -10.62 -18.73 8.10
CA LEU A 696 -9.79 -19.91 8.32
C LEU A 696 -8.65 -20.09 7.30
N TYR A 697 -8.79 -19.50 6.11
CA TYR A 697 -7.78 -19.67 5.07
C TYR A 697 -6.57 -18.77 5.33
N ARG A 698 -5.60 -19.37 6.01
CA ARG A 698 -4.26 -18.82 6.28
C ARG A 698 -3.48 -19.91 7.05
N PRO A 699 -2.14 -19.94 6.88
CA PRO A 699 -1.35 -21.05 7.45
C PRO A 699 -1.66 -21.26 8.93
N GLY A 700 -1.88 -22.52 9.32
CA GLY A 700 -2.26 -22.82 10.69
C GLY A 700 -3.72 -23.24 10.80
N PRO A 701 -4.65 -22.28 11.02
CA PRO A 701 -6.07 -22.60 10.97
C PRO A 701 -6.42 -23.43 9.74
N MET A 702 -5.95 -23.01 8.57
CA MET A 702 -6.09 -23.77 7.32
C MET A 702 -6.64 -25.19 7.56
N GLU A 703 -5.88 -26.00 8.29
CA GLU A 703 -6.23 -27.40 8.55
C GLU A 703 -7.69 -27.62 9.02
N HIS A 704 -8.25 -26.68 9.77
CA HIS A 704 -9.62 -26.83 10.26
C HIS A 704 -10.64 -26.73 9.12
N ILE A 705 -10.13 -26.56 7.90
CA ILE A 705 -10.97 -26.32 6.71
C ILE A 705 -11.65 -27.59 6.19
N PRO A 706 -10.88 -28.68 6.02
CA PRO A 706 -11.50 -29.91 5.57
C PRO A 706 -12.68 -30.25 6.47
N THR A 707 -12.47 -30.17 7.77
CA THR A 707 -13.52 -30.48 8.74
C THR A 707 -14.73 -29.60 8.42
N TYR A 708 -14.50 -28.29 8.29
CA TYR A 708 -15.57 -27.37 7.93
C TYR A 708 -16.38 -27.94 6.78
N ILE A 709 -15.66 -28.39 5.75
CA ILE A 709 -16.27 -28.87 4.52
C ILE A 709 -17.12 -30.15 4.65
N ARG A 710 -16.53 -31.19 5.25
CA ARG A 710 -17.23 -32.46 5.44
C ARG A 710 -18.43 -32.28 6.38
N ARG A 711 -18.31 -31.29 7.27
CA ARG A 711 -19.40 -30.95 8.17
C ARG A 711 -20.44 -30.14 7.38
N HIS A 712 -19.96 -29.26 6.51
CA HIS A 712 -20.84 -28.42 5.69
C HIS A 712 -21.62 -29.20 4.63
N HIS A 713 -20.92 -30.05 3.89
CA HIS A 713 -21.56 -30.92 2.90
C HIS A 713 -22.58 -31.84 3.57
N GLY A 714 -22.63 -31.77 4.90
CA GLY A 714 -23.49 -32.62 5.69
C GLY A 714 -23.16 -34.09 5.49
N GLN A 715 -21.99 -34.49 5.97
CA GLN A 715 -21.58 -35.90 5.94
C GLN A 715 -20.86 -36.35 7.23
N GLU A 716 -20.77 -35.44 8.20
CA GLU A 716 -20.12 -35.71 9.47
C GLU A 716 -20.86 -34.99 10.60
N PRO A 717 -21.25 -35.71 11.66
CA PRO A 717 -21.92 -35.05 12.76
C PRO A 717 -21.08 -33.92 13.36
N VAL A 718 -21.77 -32.97 13.97
CA VAL A 718 -21.13 -31.88 14.69
C VAL A 718 -21.35 -32.17 16.16
N SER A 719 -20.38 -32.84 16.82
CA SER A 719 -20.63 -33.39 18.17
C SER A 719 -19.92 -32.67 19.30
N TYR A 720 -20.54 -32.71 20.48
CA TYR A 720 -20.04 -31.99 21.63
C TYR A 720 -19.88 -32.91 22.83
N ALA A 721 -19.58 -34.18 22.56
CA ALA A 721 -19.47 -35.21 23.61
C ALA A 721 -18.29 -34.99 24.56
N GLU A 722 -17.39 -34.08 24.19
CA GLU A 722 -16.21 -33.79 25.00
C GLU A 722 -16.53 -32.85 26.15
N PHE A 723 -17.62 -32.11 26.03
CA PHE A 723 -18.07 -31.21 27.09
C PHE A 723 -19.59 -31.29 27.24
N PRO A 724 -20.11 -32.44 27.68
CA PRO A 724 -21.56 -32.67 27.76
C PRO A 724 -22.29 -31.59 28.54
N HIS A 725 -21.72 -31.16 29.66
CA HIS A 725 -22.35 -30.12 30.47
C HIS A 725 -22.26 -28.75 29.83
N ALA A 726 -21.19 -28.51 29.05
CA ALA A 726 -20.99 -27.21 28.41
C ALA A 726 -21.74 -27.04 27.07
N GLU A 727 -22.31 -28.15 26.55
CA GLU A 727 -23.05 -28.13 25.28
C GLU A 727 -24.18 -27.10 25.29
N LYS A 728 -24.96 -27.10 26.36
CA LYS A 728 -26.07 -26.16 26.50
C LYS A 728 -25.58 -24.70 26.47
N TYR A 729 -24.27 -24.53 26.32
CA TYR A 729 -23.69 -23.20 26.18
C TYR A 729 -22.99 -23.05 24.84
N LEU A 730 -22.34 -24.11 24.39
CA LEU A 730 -21.58 -24.08 23.14
C LEU A 730 -22.46 -24.03 21.91
N ARG A 731 -23.33 -25.03 21.71
CA ARG A 731 -24.14 -25.12 20.49
C ARG A 731 -24.49 -23.76 19.91
N PRO A 732 -25.19 -22.89 20.66
CA PRO A 732 -25.55 -21.62 20.04
C PRO A 732 -24.37 -20.92 19.38
N ILE A 733 -23.26 -20.82 20.11
CA ILE A 733 -22.08 -20.08 19.70
C ILE A 733 -21.37 -20.69 18.49
N LEU A 734 -21.25 -22.02 18.48
CA LEU A 734 -20.45 -22.76 17.48
C LEU A 734 -21.23 -23.47 16.38
N ASP A 735 -22.54 -23.62 16.52
CA ASP A 735 -23.32 -24.24 15.47
C ASP A 735 -23.25 -23.45 14.18
N GLU A 736 -23.33 -22.14 14.27
CA GLU A 736 -23.25 -21.32 13.05
C GLU A 736 -21.90 -21.52 12.32
N THR A 737 -21.01 -22.30 12.91
CA THR A 737 -19.67 -22.42 12.36
C THR A 737 -19.25 -23.90 12.30
N TYR A 738 -20.26 -24.74 12.07
CA TYR A 738 -20.17 -26.23 12.05
C TYR A 738 -19.34 -26.85 13.17
N GLY A 739 -19.13 -26.08 14.23
CA GLY A 739 -18.51 -26.56 15.46
C GLY A 739 -17.09 -26.09 15.68
N ILE A 740 -16.67 -25.09 14.95
CA ILE A 740 -15.29 -24.67 15.06
C ILE A 740 -15.10 -23.24 15.57
N PRO A 741 -14.41 -23.09 16.71
CA PRO A 741 -14.06 -21.79 17.24
C PRO A 741 -13.14 -21.11 16.26
N VAL A 742 -13.74 -20.36 15.37
CA VAL A 742 -13.00 -19.66 14.34
C VAL A 742 -12.82 -18.24 14.80
N TYR A 743 -13.92 -17.64 15.23
CA TYR A 743 -13.93 -16.23 15.59
C TYR A 743 -13.64 -16.04 17.05
N GLN A 744 -12.85 -15.02 17.33
CA GLN A 744 -12.47 -14.62 18.67
C GLN A 744 -13.71 -14.32 19.50
N GLU A 745 -14.67 -13.65 18.90
CA GLU A 745 -15.92 -13.35 19.58
C GLU A 745 -16.54 -14.64 20.10
N GLN A 746 -16.50 -15.68 19.25
CA GLN A 746 -16.97 -17.00 19.62
C GLN A 746 -16.30 -17.45 20.91
N ILE A 747 -15.01 -17.16 21.04
CA ILE A 747 -14.25 -17.45 22.26
C ILE A 747 -14.79 -16.64 23.42
N MET A 748 -14.70 -15.32 23.33
CA MET A 748 -15.15 -14.45 24.39
C MET A 748 -16.47 -14.96 24.94
N GLN A 749 -17.43 -15.13 24.04
CA GLN A 749 -18.75 -15.60 24.43
C GLN A 749 -18.67 -16.86 25.29
N ILE A 750 -17.94 -17.88 24.81
CA ILE A 750 -17.80 -19.15 25.55
C ILE A 750 -17.48 -18.84 27.00
N ALA A 751 -16.42 -18.08 27.23
CA ALA A 751 -16.02 -17.70 28.59
C ALA A 751 -17.08 -16.88 29.26
N SER A 752 -17.56 -15.86 28.57
CA SER A 752 -18.62 -15.01 29.10
C SER A 752 -19.81 -15.83 29.62
N GLN A 753 -20.12 -16.90 28.91
CA GLN A 753 -21.27 -17.69 29.25
C GLN A 753 -20.97 -18.83 30.20
N VAL A 754 -19.97 -19.64 29.88
CA VAL A 754 -19.61 -20.80 30.70
C VAL A 754 -19.01 -20.38 32.05
N ALA A 755 -18.07 -19.44 32.01
CA ALA A 755 -17.35 -18.98 33.21
C ALA A 755 -18.13 -17.99 34.07
N GLY A 756 -18.99 -17.20 33.44
CA GLY A 756 -19.75 -16.18 34.18
C GLY A 756 -19.01 -14.87 34.06
N TYR A 757 -18.07 -14.84 33.14
CA TYR A 757 -17.34 -13.62 32.80
C TYR A 757 -18.28 -12.55 32.26
N SER A 758 -18.04 -11.31 32.67
CA SER A 758 -18.62 -10.17 31.99
C SER A 758 -17.95 -10.13 30.63
N LEU A 759 -18.74 -10.04 29.58
CA LEU A 759 -18.23 -10.05 28.22
C LEU A 759 -16.96 -9.21 28.08
N GLY A 760 -16.94 -8.04 28.71
CA GLY A 760 -15.70 -7.29 28.85
C GLY A 760 -14.55 -8.15 29.36
N GLU A 761 -14.70 -8.70 30.57
CA GLU A 761 -13.65 -9.54 31.14
C GLU A 761 -13.27 -10.60 30.14
N ALA A 762 -14.28 -11.15 29.46
CA ALA A 762 -14.04 -12.23 28.53
C ALA A 762 -12.95 -11.81 27.58
N ASP A 763 -13.10 -10.62 26.99
CA ASP A 763 -12.12 -10.06 26.07
C ASP A 763 -10.73 -10.20 26.69
N LEU A 764 -10.58 -9.65 27.90
CA LEU A 764 -9.31 -9.67 28.61
C LEU A 764 -8.71 -11.06 28.56
N LEU A 765 -9.56 -12.07 28.73
CA LEU A 765 -9.11 -13.44 28.69
C LEU A 765 -8.42 -13.71 27.37
N ARG A 766 -9.18 -13.61 26.29
CA ARG A 766 -8.61 -13.76 24.94
C ARG A 766 -7.36 -12.91 24.77
N ARG A 767 -7.40 -11.68 25.29
CA ARG A 767 -6.26 -10.79 25.24
C ARG A 767 -5.07 -11.45 25.92
N ALA A 768 -5.28 -11.89 27.16
CA ALA A 768 -4.21 -12.44 27.99
C ALA A 768 -3.70 -13.80 27.54
N MET A 769 -4.51 -14.55 26.80
CA MET A 769 -4.05 -15.82 26.23
C MET A 769 -3.22 -15.55 24.98
N GLY A 770 -3.38 -14.37 24.40
CA GLY A 770 -2.57 -13.92 23.28
C GLY A 770 -1.17 -13.58 23.77
N LYS A 771 -1.10 -12.91 24.93
CA LYS A 771 0.18 -12.52 25.55
C LYS A 771 0.95 -13.70 26.17
N LYS A 772 0.29 -14.86 26.27
CA LYS A 772 0.90 -16.11 26.76
C LYS A 772 1.76 -15.94 28.00
N ARG A 773 1.25 -15.17 28.96
CA ARG A 773 2.02 -14.83 30.15
C ARG A 773 2.18 -16.06 31.05
N VAL A 774 3.18 -16.87 30.71
CA VAL A 774 3.50 -18.15 31.37
C VAL A 774 2.61 -18.55 32.56
N GLU A 775 2.79 -17.87 33.70
CA GLU A 775 2.15 -18.26 34.98
C GLU A 775 1.00 -17.36 35.44
N GLU A 776 0.73 -16.28 34.71
CA GLU A 776 -0.44 -15.43 34.96
C GLU A 776 -1.69 -16.13 34.42
N MET A 777 -1.47 -17.17 33.62
CA MET A 777 -2.55 -17.96 33.03
C MET A 777 -3.26 -18.80 34.07
N GLN A 778 -2.49 -19.45 34.94
CA GLN A 778 -3.03 -20.31 35.99
C GLN A 778 -3.89 -19.55 37.00
N LYS A 779 -3.89 -18.22 36.91
CA LYS A 779 -4.76 -17.37 37.72
C LYS A 779 -6.16 -17.31 37.10
N HIS A 780 -6.21 -17.24 35.78
CA HIS A 780 -7.47 -17.21 35.02
C HIS A 780 -8.13 -18.58 35.03
N ARG A 781 -7.33 -19.61 34.75
CA ARG A 781 -7.76 -20.99 34.89
C ARG A 781 -8.65 -21.15 36.12
N GLU A 782 -8.12 -20.78 37.28
CA GLU A 782 -8.87 -20.90 38.52
C GLU A 782 -10.19 -20.13 38.41
N ARG A 783 -10.11 -18.82 38.17
CA ARG A 783 -11.31 -17.98 38.05
C ARG A 783 -12.32 -18.58 37.07
N PHE A 784 -11.80 -19.28 36.06
CA PHE A 784 -12.62 -19.98 35.08
C PHE A 784 -13.44 -21.08 35.75
N VAL A 785 -12.78 -22.18 36.09
CA VAL A 785 -13.40 -23.32 36.75
C VAL A 785 -14.34 -22.89 37.86
N ARG A 786 -13.83 -22.06 38.77
CA ARG A 786 -14.59 -21.58 39.93
C ARG A 786 -15.99 -21.06 39.55
N GLY A 787 -16.08 -20.39 38.41
CA GLY A 787 -17.37 -19.92 37.88
C GLY A 787 -18.07 -21.00 37.10
N ALA A 788 -17.30 -21.80 36.37
CA ALA A 788 -17.81 -22.90 35.54
C ALA A 788 -18.61 -23.91 36.35
N LYS A 789 -18.14 -24.24 37.54
CA LYS A 789 -18.89 -25.07 38.46
C LYS A 789 -20.25 -24.44 38.68
N GLU A 790 -20.22 -23.23 39.23
CA GLU A 790 -21.41 -22.49 39.66
C GLU A 790 -22.47 -22.37 38.56
N ARG A 791 -22.06 -22.65 37.33
CA ARG A 791 -22.95 -22.61 36.18
C ARG A 791 -23.31 -24.02 35.71
N GLY A 792 -22.34 -24.94 35.77
CA GLY A 792 -22.59 -26.30 35.30
C GLY A 792 -21.42 -27.26 35.40
N VAL A 793 -20.50 -27.16 34.44
CA VAL A 793 -19.41 -28.14 34.26
C VAL A 793 -18.60 -28.49 35.53
N PRO A 794 -18.30 -29.79 35.71
CA PRO A 794 -17.66 -30.27 36.93
C PRO A 794 -16.12 -30.30 36.86
N GLU A 795 -15.53 -29.26 36.26
CA GLU A 795 -14.07 -29.04 36.23
C GLU A 795 -13.26 -29.94 35.31
N GLU A 796 -13.52 -31.25 35.32
CA GLU A 796 -12.87 -32.17 34.38
C GLU A 796 -13.12 -31.68 32.95
N GLU A 797 -14.36 -31.27 32.69
CA GLU A 797 -14.72 -30.63 31.44
C GLU A 797 -14.11 -29.24 31.42
N ALA A 798 -14.30 -28.51 32.51
CA ALA A 798 -13.82 -27.13 32.58
C ALA A 798 -12.37 -27.03 32.12
N ASN A 799 -11.47 -27.70 32.83
CA ASN A 799 -10.03 -27.65 32.52
C ASN A 799 -9.70 -27.85 31.06
N ARG A 800 -10.14 -28.99 30.53
CA ARG A 800 -9.93 -29.34 29.12
C ARG A 800 -10.63 -28.35 28.19
N LEU A 801 -11.73 -27.76 28.67
CA LEU A 801 -12.49 -26.74 27.93
C LEU A 801 -11.67 -25.47 27.86
N PHE A 802 -11.08 -25.09 29.00
CA PHE A 802 -10.16 -23.98 29.05
C PHE A 802 -8.97 -24.30 28.19
N ASP A 803 -8.49 -25.54 28.29
CA ASP A 803 -7.51 -26.05 27.34
C ASP A 803 -8.00 -25.82 25.90
N MET A 804 -9.28 -26.11 25.63
CA MET A 804 -9.81 -25.92 24.28
C MET A 804 -9.76 -24.45 23.88
N LEU A 805 -10.00 -23.56 24.85
CA LEU A 805 -9.95 -22.15 24.55
C LEU A 805 -8.52 -21.71 24.24
N GLU A 806 -7.59 -21.93 25.15
CA GLU A 806 -6.20 -21.51 24.91
C GLU A 806 -5.62 -22.16 23.66
N ALA A 807 -6.25 -23.25 23.20
CA ALA A 807 -5.80 -23.96 22.00
C ALA A 807 -6.25 -23.24 20.73
N PHE A 808 -7.52 -22.83 20.72
CA PHE A 808 -8.14 -22.18 19.54
C PHE A 808 -7.90 -20.66 19.48
N ALA A 809 -7.67 -20.05 20.65
CA ALA A 809 -7.58 -18.58 20.76
C ALA A 809 -6.39 -17.93 20.08
N ASN A 810 -5.30 -18.69 19.92
CA ASN A 810 -4.09 -18.18 19.29
C ASN A 810 -4.23 -17.95 17.80
N TYR A 811 -5.18 -18.66 17.20
CA TYR A 811 -5.37 -18.62 15.77
C TYR A 811 -6.69 -17.97 15.38
N GLY A 812 -7.68 -18.11 16.26
CA GLY A 812 -9.02 -17.58 16.04
C GLY A 812 -9.00 -16.16 15.53
N PHE A 813 -10.10 -15.75 14.90
CA PHE A 813 -10.14 -14.49 14.15
C PHE A 813 -11.14 -13.42 14.60
N ASN A 814 -10.96 -12.21 14.09
CA ASN A 814 -11.89 -11.15 14.41
C ASN A 814 -13.02 -11.16 13.40
N LYS A 815 -14.20 -11.57 13.85
CA LYS A 815 -15.42 -11.63 13.02
C LYS A 815 -15.88 -10.22 12.63
N SER A 816 -15.82 -9.31 13.59
CA SER A 816 -16.09 -7.91 13.33
C SER A 816 -15.48 -7.63 11.96
N HIS A 817 -14.17 -7.77 11.84
CA HIS A 817 -13.47 -7.51 10.58
C HIS A 817 -13.89 -8.49 9.50
N ALA A 818 -13.82 -9.78 9.81
CA ALA A 818 -14.11 -10.82 8.83
C ALA A 818 -15.41 -10.53 8.07
N ALA A 819 -16.50 -10.43 8.81
CA ALA A 819 -17.82 -10.28 8.22
C ALA A 819 -17.87 -9.01 7.40
N ALA A 820 -17.26 -7.95 7.91
CA ALA A 820 -17.29 -6.66 7.24
C ALA A 820 -16.90 -6.86 5.78
N TYR A 821 -15.65 -7.27 5.59
CA TYR A 821 -15.11 -7.42 4.26
C TYR A 821 -15.88 -8.43 3.43
N SER A 822 -16.15 -9.59 4.02
CA SER A 822 -16.92 -10.62 3.37
C SER A 822 -18.06 -10.03 2.53
N LEU A 823 -18.85 -9.19 3.18
CA LEU A 823 -19.93 -8.42 2.57
C LEU A 823 -19.50 -7.85 1.20
N LEU A 824 -18.28 -7.32 1.13
CA LEU A 824 -17.78 -6.75 -0.11
C LEU A 824 -17.60 -7.84 -1.12
N SER A 825 -16.93 -8.92 -0.74
CA SER A 825 -16.77 -10.07 -1.63
C SER A 825 -18.14 -10.45 -2.23
N TYR A 826 -19.15 -10.62 -1.35
CA TYR A 826 -20.53 -10.88 -1.76
C TYR A 826 -20.94 -9.84 -2.78
N GLN A 827 -20.92 -8.57 -2.36
CA GLN A 827 -21.27 -7.44 -3.20
C GLN A 827 -20.64 -7.58 -4.57
N THR A 828 -19.36 -7.94 -4.61
CA THR A 828 -18.63 -8.15 -5.86
C THR A 828 -19.22 -9.31 -6.64
N ALA A 829 -19.26 -10.48 -6.00
CA ALA A 829 -19.75 -11.70 -6.62
C ALA A 829 -21.15 -11.53 -7.23
N TYR A 830 -22.06 -10.96 -6.44
CA TYR A 830 -23.39 -10.63 -6.89
C TYR A 830 -23.39 -9.93 -8.23
N VAL A 831 -22.58 -8.88 -8.38
CA VAL A 831 -22.51 -8.15 -9.62
C VAL A 831 -22.06 -9.07 -10.76
N LYS A 832 -20.92 -9.74 -10.56
CA LYS A 832 -20.35 -10.68 -11.55
C LYS A 832 -21.34 -11.75 -12.00
N ALA A 833 -22.19 -12.14 -11.06
CA ALA A 833 -23.19 -13.16 -11.31
C ALA A 833 -24.38 -12.60 -12.08
N HIS A 834 -24.89 -11.45 -11.63
CA HIS A 834 -26.11 -10.88 -12.19
C HIS A 834 -25.88 -9.92 -13.35
N TYR A 835 -24.75 -9.24 -13.38
CA TYR A 835 -24.46 -8.35 -14.50
C TYR A 835 -23.06 -8.58 -15.05
N PRO A 836 -22.84 -9.74 -15.70
CA PRO A 836 -21.50 -10.27 -16.00
C PRO A 836 -20.71 -9.50 -17.05
N VAL A 837 -21.42 -8.80 -17.95
CA VAL A 837 -20.77 -8.04 -19.03
C VAL A 837 -20.26 -6.74 -18.46
N GLU A 838 -21.18 -5.99 -17.87
CA GLU A 838 -20.86 -4.70 -17.32
C GLU A 838 -19.79 -4.90 -16.28
N PHE A 839 -19.96 -5.94 -15.47
CA PHE A 839 -18.90 -6.34 -14.54
C PHE A 839 -17.56 -6.16 -15.26
N MET A 840 -17.32 -6.94 -16.31
CA MET A 840 -16.07 -6.92 -17.03
C MET A 840 -15.65 -5.54 -17.50
N ALA A 841 -16.63 -4.77 -17.94
CA ALA A 841 -16.36 -3.42 -18.42
C ALA A 841 -15.82 -2.60 -17.26
N ALA A 842 -16.54 -2.63 -16.15
CA ALA A 842 -16.09 -1.96 -14.94
C ALA A 842 -14.67 -2.38 -14.62
N LEU A 843 -14.37 -3.66 -14.82
CA LEU A 843 -13.03 -4.16 -14.61
C LEU A 843 -12.10 -3.40 -15.54
N LEU A 844 -12.38 -3.51 -16.83
CA LEU A 844 -11.56 -2.87 -17.85
C LEU A 844 -11.45 -1.39 -17.54
N SER A 845 -12.59 -0.72 -17.39
CA SER A 845 -12.63 0.69 -17.08
C SER A 845 -11.73 1.09 -15.92
N VAL A 846 -11.89 0.42 -14.77
CA VAL A 846 -11.16 0.79 -13.57
C VAL A 846 -9.66 0.79 -13.84
N GLU A 847 -9.17 -0.23 -14.53
CA GLU A 847 -7.74 -0.30 -14.72
C GLU A 847 -7.37 0.06 -16.14
N ARG A 848 -8.15 0.92 -16.77
CA ARG A 848 -7.89 1.27 -18.17
C ARG A 848 -6.51 1.89 -18.36
N HIS A 849 -5.82 2.19 -17.27
CA HIS A 849 -4.50 2.80 -17.33
C HIS A 849 -3.35 1.79 -17.23
N ASP A 850 -3.62 0.56 -17.65
CA ASP A 850 -2.61 -0.52 -17.63
C ASP A 850 -2.67 -1.27 -18.96
N SER A 851 -1.84 -0.82 -19.90
CA SER A 851 -1.71 -1.45 -21.20
C SER A 851 -1.74 -2.97 -21.04
N ASP A 852 -1.05 -3.47 -20.01
CA ASP A 852 -0.99 -4.90 -19.67
C ASP A 852 -2.31 -5.48 -19.16
N LYS A 853 -2.83 -4.92 -18.07
CA LYS A 853 -4.09 -5.37 -17.48
C LYS A 853 -5.23 -5.31 -18.51
N VAL A 854 -5.33 -4.21 -19.27
CA VAL A 854 -6.38 -4.08 -20.28
C VAL A 854 -6.32 -5.26 -21.24
N ALA A 855 -5.15 -5.48 -21.82
CA ALA A 855 -4.91 -6.61 -22.70
C ALA A 855 -5.45 -7.83 -22.00
N GLU A 856 -4.98 -8.05 -20.77
CA GLU A 856 -5.42 -9.18 -19.95
C GLU A 856 -6.94 -9.22 -19.83
N TYR A 857 -7.53 -8.21 -19.20
CA TYR A 857 -8.98 -8.20 -18.97
C TYR A 857 -9.74 -8.50 -20.25
N ILE A 858 -9.25 -7.93 -21.35
CA ILE A 858 -9.81 -8.22 -22.66
C ILE A 858 -9.81 -9.72 -22.87
N ARG A 859 -8.64 -10.36 -22.79
CA ARG A 859 -8.51 -11.78 -23.12
C ARG A 859 -9.40 -12.65 -22.23
N ASP A 860 -9.58 -12.24 -20.98
CA ASP A 860 -10.46 -12.97 -20.06
C ASP A 860 -11.91 -12.92 -20.59
N ALA A 861 -12.37 -11.70 -20.89
CA ALA A 861 -13.71 -11.46 -21.42
C ALA A 861 -13.93 -11.96 -22.84
N ARG A 862 -12.87 -11.99 -23.64
CA ARG A 862 -12.95 -12.49 -25.01
C ARG A 862 -13.37 -13.95 -24.95
N ALA A 863 -12.58 -14.77 -24.26
CA ALA A 863 -12.91 -16.18 -24.09
C ALA A 863 -13.86 -16.36 -22.92
N LEU A 864 -14.87 -15.50 -22.85
CA LEU A 864 -15.97 -15.62 -21.90
C LEU A 864 -17.34 -15.42 -22.59
N GLY A 865 -17.32 -15.45 -23.92
CA GLY A 865 -18.52 -15.29 -24.71
C GLY A 865 -18.81 -13.84 -25.05
N ILE A 866 -18.13 -12.92 -24.36
CA ILE A 866 -18.34 -11.49 -24.60
C ILE A 866 -17.36 -10.95 -25.65
N PRO A 867 -17.86 -10.24 -26.68
CA PRO A 867 -16.95 -9.47 -27.50
C PRO A 867 -16.64 -8.06 -26.94
N VAL A 868 -15.45 -7.59 -27.25
CA VAL A 868 -14.93 -6.30 -26.84
C VAL A 868 -14.63 -5.53 -28.12
N LEU A 869 -15.21 -4.33 -28.23
CA LEU A 869 -15.23 -3.63 -29.49
C LEU A 869 -14.40 -2.37 -29.50
N PRO A 870 -13.74 -2.07 -30.64
CA PRO A 870 -13.08 -0.80 -30.90
C PRO A 870 -14.03 0.37 -30.65
N PRO A 871 -13.51 1.60 -30.53
CA PRO A 871 -14.41 2.72 -30.31
C PRO A 871 -15.27 2.89 -31.57
N ASP A 872 -16.25 3.80 -31.51
CA ASP A 872 -17.13 4.02 -32.64
C ASP A 872 -17.75 5.39 -32.47
N VAL A 873 -17.23 6.36 -33.23
CA VAL A 873 -17.70 7.76 -33.20
C VAL A 873 -19.22 7.93 -33.14
N ASN A 874 -19.94 6.93 -33.67
CA ASN A 874 -21.40 6.87 -33.60
C ASN A 874 -21.94 6.25 -32.30
N ARG A 875 -21.51 5.04 -31.96
CA ARG A 875 -22.09 4.31 -30.83
C ARG A 875 -21.42 4.51 -29.46
N SER A 876 -20.12 4.81 -29.48
CA SER A 876 -19.32 4.94 -28.26
C SER A 876 -19.81 6.01 -27.32
N GLY A 877 -19.67 5.73 -26.03
CA GLY A 877 -19.81 6.76 -25.01
C GLY A 877 -18.40 7.27 -24.77
N PHE A 878 -18.24 8.12 -23.77
CA PHE A 878 -16.93 8.65 -23.43
C PHE A 878 -15.97 7.52 -23.04
N ASP A 879 -16.37 6.78 -22.00
CA ASP A 879 -15.58 5.70 -21.42
C ASP A 879 -16.01 4.31 -21.95
N PHE A 880 -15.53 3.23 -21.34
CA PHE A 880 -16.03 1.91 -21.68
C PHE A 880 -17.55 1.89 -21.52
N LYS A 881 -18.26 1.31 -22.48
CA LYS A 881 -19.71 1.29 -22.48
C LYS A 881 -20.24 -0.11 -22.80
N VAL A 882 -21.39 -0.46 -22.21
CA VAL A 882 -22.04 -1.75 -22.51
C VAL A 882 -23.29 -1.58 -23.41
N VAL A 883 -23.13 -1.92 -24.70
CA VAL A 883 -24.20 -1.80 -25.68
C VAL A 883 -24.78 -3.17 -26.02
N GLY A 884 -26.07 -3.30 -25.75
CA GLY A 884 -26.75 -4.56 -25.94
C GLY A 884 -26.11 -5.56 -25.00
N GLU A 885 -25.18 -6.33 -25.54
CA GLU A 885 -24.51 -7.35 -24.75
C GLU A 885 -23.02 -7.41 -25.03
N GLU A 886 -22.45 -6.26 -25.38
CA GLU A 886 -21.05 -6.22 -25.73
C GLU A 886 -20.36 -5.09 -24.99
N ILE A 887 -19.07 -5.26 -24.73
CA ILE A 887 -18.29 -4.20 -24.10
C ILE A 887 -17.67 -3.38 -25.21
N LEU A 888 -18.11 -2.13 -25.30
CA LEU A 888 -17.66 -1.23 -26.34
C LEU A 888 -16.73 -0.17 -25.77
N PHE A 889 -15.61 0.09 -26.45
CA PHE A 889 -14.67 1.11 -26.01
C PHE A 889 -15.27 2.49 -25.94
N GLY A 890 -14.45 3.41 -25.45
CA GLY A 890 -14.80 4.82 -25.45
C GLY A 890 -13.89 5.55 -26.41
N LEU A 891 -14.09 6.86 -26.53
CA LEU A 891 -13.26 7.65 -27.42
C LEU A 891 -12.10 8.20 -26.62
N SER A 892 -12.34 8.39 -25.32
CA SER A 892 -11.32 8.83 -24.41
C SER A 892 -10.07 7.98 -24.57
N ALA A 893 -10.28 6.70 -24.85
CA ALA A 893 -9.20 5.71 -24.89
C ALA A 893 -8.31 5.83 -26.12
N VAL A 894 -8.67 6.73 -27.04
CA VAL A 894 -7.91 6.98 -28.29
C VAL A 894 -6.74 7.97 -28.07
N LYS A 895 -5.55 7.55 -28.47
CA LYS A 895 -4.30 8.07 -27.89
C LYS A 895 -3.86 9.50 -28.20
N ASN A 896 -4.24 10.01 -29.37
CA ASN A 896 -3.91 11.39 -29.71
C ASN A 896 -5.05 12.39 -29.59
N VAL A 897 -6.27 11.85 -29.53
CA VAL A 897 -7.46 12.65 -29.33
C VAL A 897 -7.48 13.33 -27.95
N GLY A 898 -7.52 14.66 -27.97
CA GLY A 898 -7.66 15.46 -26.76
C GLY A 898 -8.85 15.02 -25.92
N GLU A 899 -8.97 15.54 -24.72
CA GLU A 899 -10.10 15.16 -23.92
C GLU A 899 -11.28 16.03 -24.26
N MET A 900 -11.04 17.32 -24.53
CA MET A 900 -12.10 18.23 -24.96
C MET A 900 -12.70 17.66 -26.21
N ALA A 901 -11.82 17.24 -27.12
CA ALA A 901 -12.20 16.73 -28.42
C ALA A 901 -13.02 15.44 -28.35
N ALA A 902 -12.78 14.64 -27.32
CA ALA A 902 -13.59 13.45 -27.16
C ALA A 902 -14.99 13.90 -26.78
N ARG A 903 -15.09 14.61 -25.66
CA ARG A 903 -16.37 15.19 -25.25
C ARG A 903 -16.99 16.04 -26.36
N ALA A 904 -16.17 16.86 -27.04
CA ALA A 904 -16.62 17.66 -28.18
C ALA A 904 -17.33 16.79 -29.20
N ILE A 905 -16.62 15.79 -29.73
CA ILE A 905 -17.21 14.86 -30.71
C ILE A 905 -18.61 14.50 -30.26
N LEU A 906 -18.68 13.99 -29.03
CA LEU A 906 -19.92 13.51 -28.47
C LEU A 906 -21.04 14.55 -28.53
N GLU A 907 -20.83 15.73 -27.97
CA GLU A 907 -21.92 16.70 -27.88
C GLU A 907 -22.44 17.10 -29.24
N GLU A 908 -21.50 17.31 -30.19
CA GLU A 908 -21.84 17.64 -31.58
C GLU A 908 -22.48 16.44 -32.28
N ARG A 909 -22.37 15.27 -31.66
CA ARG A 909 -23.05 14.08 -32.13
C ARG A 909 -24.38 13.89 -31.38
N GLU A 910 -24.65 14.77 -30.43
CA GLU A 910 -25.88 14.66 -29.66
C GLU A 910 -26.74 15.90 -29.79
N ARG A 911 -26.33 16.85 -30.61
CA ARG A 911 -27.25 17.94 -30.99
C ARG A 911 -27.64 17.79 -32.46
N GLY A 912 -26.65 17.50 -33.30
CA GLY A 912 -26.88 16.92 -34.61
C GLY A 912 -26.68 15.43 -34.38
N GLY A 913 -27.66 14.61 -34.75
CA GLY A 913 -27.64 13.18 -34.45
C GLY A 913 -26.48 12.41 -35.09
N PRO A 914 -26.55 11.06 -35.02
CA PRO A 914 -25.61 10.12 -35.65
C PRO A 914 -24.86 10.63 -36.89
N PHE A 915 -23.54 10.43 -36.92
CA PHE A 915 -22.71 10.80 -38.07
C PHE A 915 -23.04 9.94 -39.30
N LYS A 916 -23.17 10.60 -40.45
CA LYS A 916 -23.62 9.94 -41.69
C LYS A 916 -22.51 9.64 -42.70
N SER A 917 -21.46 10.46 -42.69
CA SER A 917 -20.29 10.23 -43.52
C SER A 917 -19.11 10.98 -42.92
N LEU A 918 -17.90 10.62 -43.33
CA LEU A 918 -16.69 11.32 -42.90
C LEU A 918 -16.74 12.81 -43.28
N GLY A 919 -17.45 13.11 -44.37
CA GLY A 919 -17.72 14.48 -44.72
C GLY A 919 -18.50 15.10 -43.58
N ASP A 920 -19.74 14.63 -43.41
CA ASP A 920 -20.69 15.08 -42.36
C ASP A 920 -20.02 15.22 -41.00
N PHE A 921 -18.87 14.56 -40.89
CA PHE A 921 -18.06 14.61 -39.70
C PHE A 921 -17.22 15.88 -39.73
N LEU A 922 -16.45 16.05 -40.80
CA LEU A 922 -15.48 17.13 -40.89
C LEU A 922 -16.04 18.55 -41.00
N LYS A 923 -17.30 18.67 -41.40
CA LYS A 923 -17.98 19.96 -41.46
C LYS A 923 -18.65 20.31 -40.11
N ARG A 924 -18.96 19.28 -39.33
CA ARG A 924 -19.57 19.45 -38.01
C ARG A 924 -18.50 19.62 -36.96
N LEU A 925 -17.35 18.98 -37.22
CA LEU A 925 -16.19 19.07 -36.36
C LEU A 925 -15.04 19.62 -37.19
N PRO A 926 -14.84 20.94 -37.13
CA PRO A 926 -13.80 21.55 -37.93
C PRO A 926 -12.44 21.09 -37.42
N GLU A 927 -11.39 21.40 -38.18
CA GLU A 927 -10.02 21.15 -37.73
C GLU A 927 -9.72 21.90 -36.44
N GLN A 928 -10.35 23.06 -36.26
CA GLN A 928 -10.28 23.84 -35.03
C GLN A 928 -10.40 23.00 -33.76
N VAL A 929 -11.22 21.95 -33.83
CA VAL A 929 -11.62 21.15 -32.67
C VAL A 929 -10.93 19.77 -32.63
N VAL A 930 -10.99 19.06 -33.76
CA VAL A 930 -10.32 17.79 -33.94
C VAL A 930 -9.23 18.02 -34.97
N ASN A 931 -7.98 18.18 -34.52
CA ASN A 931 -6.85 18.36 -35.45
C ASN A 931 -6.62 17.13 -36.35
N LYS A 932 -5.85 17.30 -37.42
CA LYS A 932 -5.58 16.17 -38.32
C LYS A 932 -5.03 14.96 -37.55
N ARG A 933 -3.99 15.16 -36.74
CA ARG A 933 -3.42 14.12 -35.88
C ARG A 933 -4.53 13.36 -35.16
N ALA A 934 -5.40 14.12 -34.49
CA ALA A 934 -6.55 13.55 -33.80
C ALA A 934 -7.32 12.63 -34.74
N LEU A 935 -7.69 13.18 -35.89
CA LEU A 935 -8.42 12.42 -36.90
C LEU A 935 -7.70 11.12 -37.25
N GLU A 936 -6.39 11.21 -37.49
CA GLU A 936 -5.61 10.05 -37.88
C GLU A 936 -5.80 8.91 -36.90
N SER A 937 -5.53 9.19 -35.64
CA SER A 937 -5.62 8.16 -34.61
C SER A 937 -7.04 7.62 -34.53
N LEU A 938 -8.01 8.53 -34.57
CA LEU A 938 -9.41 8.20 -34.45
C LEU A 938 -9.86 7.18 -35.49
N VAL A 939 -9.24 7.23 -36.68
CA VAL A 939 -9.45 6.20 -37.72
C VAL A 939 -8.61 4.99 -37.41
N LYS A 940 -7.32 5.22 -37.10
CA LYS A 940 -6.40 4.15 -36.71
C LYS A 940 -7.01 3.26 -35.63
N ALA A 941 -7.85 3.86 -34.80
CA ALA A 941 -8.51 3.17 -33.68
C ALA A 941 -9.65 2.27 -34.15
N GLY A 942 -10.32 2.71 -35.21
CA GLY A 942 -11.48 2.02 -35.75
C GLY A 942 -12.78 2.66 -35.34
N ALA A 943 -12.71 3.90 -34.85
CA ALA A 943 -13.89 4.66 -34.44
C ALA A 943 -14.66 5.07 -35.68
N LEU A 944 -13.89 5.34 -36.73
CA LEU A 944 -14.47 5.74 -37.98
C LEU A 944 -14.59 4.55 -38.91
N ASP A 945 -14.43 3.35 -38.36
CA ASP A 945 -14.65 2.13 -39.12
C ASP A 945 -16.01 2.11 -39.79
N ALA A 946 -16.99 2.70 -39.10
CA ALA A 946 -18.38 2.77 -39.58
C ALA A 946 -18.58 3.35 -40.99
N PHE A 947 -17.48 3.76 -41.63
CA PHE A 947 -17.54 4.46 -42.92
C PHE A 947 -16.93 3.72 -44.11
N GLY A 948 -16.09 2.71 -43.86
CA GLY A 948 -15.51 1.90 -44.93
C GLY A 948 -14.10 1.39 -44.69
N ASP A 949 -13.29 1.36 -45.75
CA ASP A 949 -11.91 0.88 -45.65
C ASP A 949 -11.02 1.93 -45.02
N ARG A 950 -10.17 1.48 -44.10
CA ARG A 950 -9.37 2.36 -43.26
C ARG A 950 -8.30 3.16 -44.00
N ALA A 951 -7.44 2.48 -44.74
CA ALA A 951 -6.34 3.12 -45.46
C ALA A 951 -6.89 4.20 -46.37
N ARG A 952 -8.07 3.90 -46.94
CA ARG A 952 -8.78 4.78 -47.82
C ARG A 952 -9.16 6.06 -47.06
N LEU A 953 -9.67 5.87 -45.84
CA LEU A 953 -10.01 6.99 -44.96
C LEU A 953 -8.82 7.91 -44.71
N LEU A 954 -7.72 7.34 -44.17
CA LEU A 954 -6.49 8.09 -43.82
C LEU A 954 -5.98 9.03 -44.89
N ALA A 955 -5.86 8.52 -46.12
CA ALA A 955 -5.39 9.32 -47.23
C ALA A 955 -6.44 10.34 -47.66
N SER A 956 -7.71 9.98 -47.53
CA SER A 956 -8.82 10.85 -47.91
C SER A 956 -8.94 12.06 -47.00
N LEU A 957 -8.49 11.92 -45.76
CA LEU A 957 -8.59 12.96 -44.74
C LEU A 957 -8.14 14.34 -45.23
N GLU A 958 -6.90 14.41 -45.72
CA GLU A 958 -6.29 15.67 -46.15
C GLU A 958 -7.14 16.36 -47.21
N PRO A 959 -7.39 15.68 -48.36
CA PRO A 959 -8.26 16.25 -49.40
C PRO A 959 -9.73 16.50 -48.98
N LEU A 960 -10.17 15.90 -47.88
CA LEU A 960 -11.50 16.18 -47.33
C LEU A 960 -11.47 17.38 -46.40
N LEU A 961 -10.33 17.62 -45.77
CA LEU A 961 -10.15 18.80 -44.97
C LEU A 961 -10.01 20.05 -45.84
N ARG A 962 -9.31 19.90 -46.97
CA ARG A 962 -9.27 20.96 -47.99
C ARG A 962 -10.69 21.27 -48.46
N TRP A 963 -11.55 20.24 -48.50
CA TRP A 963 -12.94 20.42 -48.86
C TRP A 963 -13.72 21.12 -47.75
N ALA A 964 -13.62 20.54 -46.55
CA ALA A 964 -14.35 21.03 -45.39
C ALA A 964 -14.12 22.52 -45.16
N ALA A 965 -12.86 22.91 -44.99
CA ALA A 965 -12.49 24.29 -44.71
C ALA A 965 -13.05 25.24 -45.79
N GLU A 966 -13.08 24.76 -47.03
CA GLU A 966 -13.58 25.53 -48.17
C GLU A 966 -15.11 25.71 -48.14
N THR A 967 -15.81 24.73 -47.58
CA THR A 967 -17.28 24.77 -47.50
C THR A 967 -17.76 25.97 -46.69
N ARG A 968 -17.12 26.20 -45.53
CA ARG A 968 -17.45 27.34 -44.71
C ARG A 968 -17.06 28.67 -45.34
N GLU A 969 -15.95 28.69 -46.08
CA GLU A 969 -15.58 29.87 -46.86
C GLU A 969 -16.72 30.25 -47.80
N ARG A 970 -17.35 29.24 -48.39
CA ARG A 970 -18.56 29.45 -49.20
C ARG A 970 -19.72 29.83 -48.28
N GLY A 971 -19.81 29.14 -47.14
CA GLY A 971 -20.87 29.34 -46.16
C GLY A 971 -20.89 30.71 -45.52
N ARG A 972 -19.71 31.28 -45.27
CA ARG A 972 -19.59 32.59 -44.66
C ARG A 972 -19.47 33.69 -45.73
N SER A 973 -19.85 33.35 -46.95
CA SER A 973 -19.85 34.28 -48.07
C SER A 973 -21.29 34.46 -48.59
N GLY A 974 -22.26 34.23 -47.71
CA GLY A 974 -23.67 34.11 -48.10
C GLY A 974 -23.92 32.67 -48.46
N LEU A 975 -24.59 32.45 -49.59
CA LEU A 975 -24.82 31.11 -50.18
C LEU A 975 -25.47 30.07 -49.22
N VAL A 976 -26.71 29.72 -49.52
CA VAL A 976 -27.61 28.98 -48.60
C VAL A 976 -27.15 27.54 -48.20
N GLY A 977 -27.32 26.58 -49.11
CA GLY A 977 -27.03 25.17 -48.81
C GLY A 977 -26.92 24.24 -50.01
N LEU A 978 -27.20 24.78 -51.20
CA LEU A 978 -26.98 24.08 -52.47
C LEU A 978 -25.81 24.69 -53.24
N PHE A 979 -25.76 26.02 -53.31
CA PHE A 979 -24.63 26.75 -53.90
C PHE A 979 -23.45 26.74 -52.93
N ALA A 980 -23.70 26.25 -51.71
CA ALA A 980 -22.73 26.24 -50.61
C ALA A 980 -22.28 24.83 -50.19
N GLU A 981 -22.69 23.82 -50.94
CA GLU A 981 -22.26 22.43 -50.72
C GLU A 981 -22.18 21.66 -52.04
N VAL A 982 -20.96 21.23 -52.40
CA VAL A 982 -20.76 20.36 -53.56
C VAL A 982 -20.67 18.89 -53.05
N GLU A 983 -21.50 18.64 -52.02
CA GLU A 983 -21.44 17.47 -51.11
C GLU A 983 -20.32 16.42 -51.31
N GLU A 984 -19.42 16.42 -50.33
CA GLU A 984 -18.26 15.51 -50.23
C GLU A 984 -18.21 14.43 -51.29
N PRO A 985 -17.41 14.66 -52.33
CA PRO A 985 -17.26 13.63 -53.33
C PRO A 985 -16.80 12.35 -52.65
N PRO A 986 -17.21 11.19 -53.19
CA PRO A 986 -16.85 9.91 -52.60
C PRO A 986 -15.38 9.81 -52.17
N LEU A 987 -15.17 9.06 -51.09
CA LEU A 987 -13.86 8.72 -50.56
C LEU A 987 -12.81 8.43 -51.65
N VAL A 988 -11.61 8.98 -51.49
CA VAL A 988 -10.49 8.70 -52.40
C VAL A 988 -10.08 7.22 -52.27
N GLU A 989 -9.37 6.69 -53.27
CA GLU A 989 -9.09 5.24 -53.32
C GLU A 989 -7.64 4.83 -53.02
N ALA A 990 -7.50 3.64 -52.42
CA ALA A 990 -6.20 3.04 -52.08
C ALA A 990 -6.35 1.58 -51.62
N SER A 991 -5.36 0.76 -51.97
CA SER A 991 -5.31 -0.67 -51.62
C SER A 991 -5.40 -0.91 -50.10
N PRO A 992 -6.13 -1.97 -49.67
CA PRO A 992 -6.40 -2.30 -48.25
C PRO A 992 -5.16 -2.42 -47.35
N LEU A 993 -5.37 -2.26 -46.04
CA LEU A 993 -4.32 -2.42 -45.03
C LEU A 993 -4.14 -3.87 -44.64
N ASP A 994 -3.03 -4.47 -45.07
CA ASP A 994 -2.68 -5.85 -44.68
C ASP A 994 -2.56 -5.96 -43.15
N GLU A 995 -3.00 -7.09 -42.60
CA GLU A 995 -3.15 -7.28 -41.16
C GLU A 995 -2.03 -6.71 -40.29
N ILE A 996 -0.80 -7.18 -40.47
CA ILE A 996 0.35 -6.69 -39.65
C ILE A 996 0.38 -5.17 -39.61
N THR A 997 0.29 -4.55 -40.78
CA THR A 997 0.31 -3.09 -40.90
C THR A 997 -0.93 -2.48 -40.24
N MET A 998 -2.06 -3.19 -40.30
CA MET A 998 -3.32 -2.73 -39.74
C MET A 998 -3.35 -2.80 -38.21
N LEU A 999 -2.86 -3.93 -37.68
CA LEU A 999 -2.78 -4.15 -36.26
C LEU A 999 -1.80 -3.15 -35.64
N ARG A 1000 -0.67 -2.95 -36.32
CA ARG A 1000 0.35 -1.99 -35.89
C ARG A 1000 -0.25 -0.64 -35.52
N TYR A 1001 -1.18 -0.16 -36.35
CA TYR A 1001 -1.83 1.13 -36.12
C TYR A 1001 -2.70 1.10 -34.88
N GLU A 1002 -3.58 0.09 -34.79
CA GLU A 1002 -4.47 -0.05 -33.64
C GLU A 1002 -3.78 0.24 -32.32
N LYS A 1003 -2.61 -0.37 -32.10
CA LYS A 1003 -1.86 -0.26 -30.86
C LYS A 1003 -1.23 1.11 -30.75
N GLU A 1004 -0.66 1.61 -31.84
CA GLU A 1004 -0.11 2.95 -31.85
C GLU A 1004 -1.22 3.92 -31.45
N ALA A 1005 -2.45 3.49 -31.68
CA ALA A 1005 -3.64 4.32 -31.49
C ALA A 1005 -4.41 4.03 -30.21
N LEU A 1006 -4.30 2.81 -29.71
CA LEU A 1006 -5.08 2.40 -28.56
C LEU A 1006 -4.30 1.74 -27.45
N GLY A 1007 -2.98 1.82 -27.52
CA GLY A 1007 -2.13 1.24 -26.49
C GLY A 1007 -2.08 -0.28 -26.63
N ILE A 1008 -3.22 -0.88 -26.95
CA ILE A 1008 -3.33 -2.33 -27.09
C ILE A 1008 -3.79 -2.74 -28.49
N TYR A 1009 -3.66 -4.02 -28.82
CA TYR A 1009 -4.24 -4.53 -30.05
C TYR A 1009 -5.66 -5.00 -29.74
N VAL A 1010 -6.57 -4.74 -30.68
CA VAL A 1010 -7.94 -5.24 -30.67
C VAL A 1010 -8.11 -6.01 -31.97
N SER A 1011 -8.90 -7.08 -31.94
CA SER A 1011 -9.19 -7.83 -33.18
C SER A 1011 -7.92 -8.47 -33.77
N GLY A 1012 -7.23 -9.25 -32.94
CA GLY A 1012 -6.05 -9.99 -33.39
C GLY A 1012 -4.75 -9.63 -32.70
N HIS A 1013 -3.66 -9.95 -33.38
CA HIS A 1013 -2.32 -9.79 -32.86
C HIS A 1013 -1.40 -10.26 -33.99
N PRO A 1014 -0.29 -9.55 -34.22
CA PRO A 1014 0.73 -9.91 -35.22
C PRO A 1014 1.17 -11.40 -35.26
N VAL A 1015 1.44 -11.98 -34.09
CA VAL A 1015 1.96 -13.35 -33.98
C VAL A 1015 1.00 -14.42 -34.51
N LEU A 1016 -0.28 -14.09 -34.63
CA LEU A 1016 -1.26 -15.03 -35.17
C LEU A 1016 -1.12 -15.20 -36.67
N ARG A 1017 -0.52 -14.23 -37.36
CA ARG A 1017 -0.49 -14.27 -38.82
C ARG A 1017 0.54 -15.25 -39.39
N TYR A 1018 1.76 -15.26 -38.87
CA TYR A 1018 2.76 -16.27 -39.25
C TYR A 1018 3.03 -17.31 -38.15
N PRO A 1019 2.34 -18.46 -38.24
CA PRO A 1019 2.18 -19.37 -37.12
C PRO A 1019 3.47 -20.07 -36.75
N GLY A 1020 4.38 -20.22 -37.71
CA GLY A 1020 5.67 -20.87 -37.49
C GLY A 1020 6.24 -20.72 -36.08
N LEU A 1021 6.22 -19.49 -35.58
CA LEU A 1021 6.80 -19.16 -34.27
C LEU A 1021 6.07 -19.78 -33.09
N ARG A 1022 4.74 -19.82 -33.17
CA ARG A 1022 3.91 -20.54 -32.19
C ARG A 1022 4.42 -21.98 -32.04
N GLU A 1023 4.48 -22.67 -33.18
CA GLU A 1023 4.64 -24.13 -33.24
C GLU A 1023 5.97 -24.66 -32.72
N VAL A 1024 6.95 -23.77 -32.64
CA VAL A 1024 8.30 -24.12 -32.17
C VAL A 1024 8.48 -23.78 -30.70
N ALA A 1025 7.78 -22.73 -30.26
CA ALA A 1025 7.83 -22.29 -28.89
C ALA A 1025 7.43 -23.41 -27.95
N SER A 1026 8.10 -23.43 -26.80
CA SER A 1026 7.85 -24.45 -25.81
C SER A 1026 6.56 -24.14 -25.04
N CYS A 1027 6.22 -22.86 -24.95
CA CYS A 1027 5.10 -22.40 -24.16
C CYS A 1027 4.37 -21.24 -24.81
N THR A 1028 3.38 -20.73 -24.08
CA THR A 1028 2.91 -19.36 -24.27
C THR A 1028 3.35 -18.56 -23.04
N ILE A 1029 3.31 -17.24 -23.13
CA ILE A 1029 3.65 -16.38 -21.98
C ILE A 1029 2.76 -16.70 -20.77
N GLU A 1030 1.48 -17.00 -21.05
CA GLU A 1030 0.53 -17.34 -20.00
C GLU A 1030 1.05 -18.49 -19.16
N GLU A 1031 1.21 -19.65 -19.80
CA GLU A 1031 1.61 -20.91 -19.16
C GLU A 1031 3.02 -20.93 -18.55
N LEU A 1032 3.90 -20.05 -19.03
CA LEU A 1032 5.33 -20.08 -18.67
C LEU A 1032 5.54 -20.37 -17.19
N SER A 1033 4.93 -19.54 -16.34
CA SER A 1033 5.01 -19.73 -14.90
C SER A 1033 4.75 -21.19 -14.49
N GLU A 1034 3.67 -21.77 -14.99
CA GLU A 1034 3.20 -23.08 -14.53
C GLU A 1034 3.79 -24.29 -15.25
N PHE A 1035 4.24 -24.13 -16.49
CA PHE A 1035 5.02 -25.18 -17.13
C PHE A 1035 6.38 -25.29 -16.42
N VAL A 1036 6.99 -24.14 -16.16
CA VAL A 1036 8.39 -24.05 -15.72
C VAL A 1036 8.69 -24.43 -14.27
N ARG A 1037 8.04 -23.78 -13.31
CA ARG A 1037 8.31 -24.05 -11.89
C ARG A 1037 8.59 -25.52 -11.66
N GLU A 1038 7.75 -26.38 -12.23
CA GLU A 1038 7.94 -27.81 -12.13
C GLU A 1038 8.73 -28.35 -13.31
N LEU A 1039 10.06 -28.35 -13.15
CA LEU A 1039 11.00 -29.01 -14.08
C LEU A 1039 12.28 -29.36 -13.27
N PRO A 1040 13.43 -28.68 -13.53
CA PRO A 1040 14.48 -28.79 -12.53
C PRO A 1040 14.61 -27.48 -11.74
N GLY A 1041 15.83 -27.10 -11.38
CA GLY A 1041 16.11 -25.82 -10.73
C GLY A 1041 16.73 -24.80 -11.66
N LYS A 1042 16.07 -23.64 -11.80
CA LYS A 1042 16.50 -22.56 -12.70
C LYS A 1042 16.71 -23.05 -14.15
N PRO A 1043 15.60 -23.31 -14.86
CA PRO A 1043 15.58 -23.87 -16.21
C PRO A 1043 15.78 -22.85 -17.36
N LYS A 1044 16.11 -23.36 -18.54
CA LYS A 1044 16.23 -22.56 -19.76
C LYS A 1044 15.12 -22.99 -20.68
N VAL A 1045 14.57 -22.06 -21.48
CA VAL A 1045 13.42 -22.34 -22.35
C VAL A 1045 13.33 -21.39 -23.55
N LEU A 1046 12.54 -21.75 -24.57
CA LEU A 1046 12.40 -20.92 -25.77
C LEU A 1046 11.03 -20.33 -25.98
N LEU A 1047 11.00 -19.01 -26.13
CA LEU A 1047 9.77 -18.22 -26.19
C LEU A 1047 9.67 -17.31 -27.41
N SER A 1048 8.46 -17.19 -27.93
CA SER A 1048 8.26 -16.53 -29.19
C SER A 1048 7.08 -15.60 -29.10
N GLY A 1049 7.33 -14.33 -29.42
CA GLY A 1049 6.30 -13.29 -29.42
C GLY A 1049 6.77 -12.03 -30.10
N MET A 1050 6.14 -10.89 -29.79
CA MET A 1050 6.45 -9.60 -30.42
C MET A 1050 7.26 -8.68 -29.51
N VAL A 1051 8.11 -7.84 -30.11
CA VAL A 1051 9.01 -6.99 -29.33
C VAL A 1051 8.47 -5.59 -29.16
N GLU A 1052 8.79 -4.95 -28.03
CA GLU A 1052 8.23 -3.65 -27.67
C GLU A 1052 9.15 -2.76 -26.80
N GLU A 1053 10.45 -2.75 -27.08
CA GLU A 1053 11.40 -1.94 -26.29
C GLU A 1053 12.76 -1.68 -26.97
N VAL A 1054 13.39 -0.57 -26.59
CA VAL A 1054 14.77 -0.25 -27.01
C VAL A 1054 15.78 -1.03 -26.16
N ARG A 1067 16.22 -4.35 -21.93
CA ARG A 1067 15.01 -4.79 -21.26
C ARG A 1067 13.83 -4.82 -22.22
N PHE A 1068 14.02 -5.42 -23.38
CA PHE A 1068 12.94 -5.54 -24.36
C PHE A 1068 11.76 -6.30 -23.77
N THR A 1069 10.55 -5.92 -24.16
CA THR A 1069 9.31 -6.57 -23.68
C THR A 1069 8.68 -7.46 -24.77
N LEU A 1070 8.41 -8.71 -24.41
CA LEU A 1070 7.91 -9.69 -25.36
C LEU A 1070 6.45 -10.06 -25.12
N SER A 1071 5.64 -9.99 -26.18
CA SER A 1071 4.20 -10.28 -26.10
C SER A 1071 3.64 -11.36 -27.05
N ASP A 1072 2.84 -12.26 -26.46
CA ASP A 1072 2.00 -13.22 -27.18
C ASP A 1072 0.62 -12.62 -27.28
N GLU A 1073 -0.30 -13.38 -27.87
CA GLU A 1073 -1.72 -13.06 -27.78
C GLU A 1073 -2.15 -13.36 -26.36
N THR A 1074 -1.16 -13.69 -25.52
CA THR A 1074 -1.41 -14.20 -24.17
C THR A 1074 -0.61 -13.58 -23.02
N GLY A 1075 0.30 -12.64 -23.29
CA GLY A 1075 0.98 -11.95 -22.18
C GLY A 1075 2.16 -11.05 -22.50
N ALA A 1076 2.80 -10.56 -21.44
CA ALA A 1076 3.93 -9.63 -21.56
C ALA A 1076 5.05 -9.94 -20.57
N LEU A 1077 6.28 -9.94 -21.06
CA LEU A 1077 7.42 -10.29 -20.22
C LEU A 1077 8.62 -9.40 -20.38
N GLU A 1078 9.10 -8.89 -19.25
CA GLU A 1078 10.42 -8.26 -19.17
C GLU A 1078 11.45 -9.33 -19.47
N VAL A 1079 12.33 -9.07 -20.42
CA VAL A 1079 13.38 -10.03 -20.83
C VAL A 1079 14.61 -9.33 -21.40
N VAL A 1080 15.79 -9.67 -20.88
CA VAL A 1080 17.05 -9.07 -21.32
C VAL A 1080 18.07 -10.15 -21.72
N LYS A 1094 14.19 -4.36 -33.35
CA LYS A 1094 13.50 -3.42 -32.47
C LYS A 1094 11.98 -3.60 -32.52
N GLU A 1095 11.24 -2.49 -32.53
CA GLU A 1095 9.77 -2.50 -32.47
C GLU A 1095 9.11 -3.20 -33.66
N ASP A 1096 8.08 -3.99 -33.36
CA ASP A 1096 7.30 -4.74 -34.36
C ASP A 1096 8.09 -5.62 -35.33
N ILE A 1097 9.06 -6.33 -34.77
CA ILE A 1097 9.68 -7.48 -35.43
C ILE A 1097 9.49 -8.69 -34.49
N PRO A 1098 9.00 -9.82 -35.03
CA PRO A 1098 8.84 -11.02 -34.22
C PRO A 1098 10.15 -11.78 -34.02
N LEU A 1099 10.31 -12.39 -32.85
CA LEU A 1099 11.52 -13.14 -32.51
C LEU A 1099 11.20 -14.47 -31.85
N LEU A 1100 12.21 -15.33 -31.78
CA LEU A 1100 12.17 -16.52 -30.95
C LEU A 1100 13.30 -16.32 -29.98
N VAL A 1101 13.09 -16.69 -28.73
CA VAL A 1101 14.07 -16.41 -27.69
C VAL A 1101 14.43 -17.65 -26.84
N LEU A 1102 15.72 -17.99 -26.77
CA LEU A 1102 16.20 -19.01 -25.82
C LEU A 1102 16.74 -18.37 -24.56
N ALA A 1103 16.02 -18.54 -23.46
CA ALA A 1103 16.27 -17.77 -22.26
C ALA A 1103 16.16 -18.59 -20.97
N GLU A 1104 17.00 -18.27 -19.98
CA GLU A 1104 16.94 -18.93 -18.65
C GLU A 1104 15.96 -18.24 -17.70
N VAL A 1105 15.37 -19.03 -16.80
CA VAL A 1105 14.27 -18.56 -15.94
C VAL A 1105 14.52 -18.93 -14.47
N GLU A 1106 13.81 -18.23 -13.56
CA GLU A 1106 13.86 -18.50 -12.13
C GLU A 1106 12.47 -18.72 -11.55
N ARG A 1112 10.68 -13.61 -13.41
CA ARG A 1112 11.53 -12.86 -14.33
C ARG A 1112 12.50 -13.77 -15.09
N VAL A 1113 12.76 -13.43 -16.36
CA VAL A 1113 13.42 -14.29 -17.36
C VAL A 1113 14.56 -13.61 -18.10
N LEU A 1114 15.75 -14.20 -18.06
CA LEU A 1114 16.92 -13.60 -18.73
C LEU A 1114 17.31 -14.34 -20.01
N ALA A 1115 17.40 -13.59 -21.11
CA ALA A 1115 17.70 -14.14 -22.44
C ALA A 1115 19.12 -14.62 -22.61
N GLN A 1116 19.30 -15.70 -23.36
CA GLN A 1116 20.62 -16.19 -23.78
C GLN A 1116 20.86 -16.03 -25.30
N ALA A 1117 19.87 -16.40 -26.12
CA ALA A 1117 19.99 -16.30 -27.58
C ALA A 1117 18.66 -15.98 -28.27
N VAL A 1118 18.75 -15.34 -29.44
CA VAL A 1118 17.58 -14.88 -30.16
C VAL A 1118 17.70 -15.12 -31.67
N TRP A 1119 16.59 -15.42 -32.33
CA TRP A 1119 16.58 -15.66 -33.78
C TRP A 1119 15.52 -14.88 -34.54
N THR A 1120 15.87 -14.47 -35.75
CA THR A 1120 14.97 -13.72 -36.61
C THR A 1120 13.99 -14.64 -37.31
N LEU A 1121 12.80 -14.12 -37.56
CA LEU A 1121 11.74 -14.83 -38.27
C LEU A 1121 12.30 -15.61 -39.45
N GLU A 1122 12.97 -14.91 -40.36
CA GLU A 1122 13.47 -15.51 -41.59
C GLU A 1122 14.63 -16.48 -41.37
N GLU A 1123 15.24 -16.40 -40.20
CA GLU A 1123 16.23 -17.41 -39.78
C GLU A 1123 15.51 -18.66 -39.30
N VAL A 1124 14.33 -18.47 -38.70
CA VAL A 1124 13.51 -19.60 -38.23
C VAL A 1124 12.76 -20.30 -39.38
N LEU A 1125 12.30 -19.52 -40.36
CA LEU A 1125 11.65 -20.08 -41.55
C LEU A 1125 12.66 -20.64 -42.57
N GLU A 1126 13.95 -20.50 -42.25
CA GLU A 1126 15.03 -21.09 -43.04
C GLU A 1126 15.56 -22.41 -42.47
N ALA A 1127 15.75 -22.47 -41.14
CA ALA A 1127 16.18 -23.70 -40.48
C ALA A 1127 15.19 -24.83 -40.79
N PRO A 1128 15.72 -26.02 -41.17
CA PRO A 1128 14.95 -27.12 -41.81
C PRO A 1128 13.69 -27.48 -41.06
N LYS A 1129 12.71 -28.01 -41.77
CA LYS A 1129 11.38 -28.20 -41.17
C LYS A 1129 11.09 -29.62 -40.70
N ALA A 1130 10.06 -29.75 -39.86
CA ALA A 1130 9.63 -31.03 -39.29
C ALA A 1130 8.10 -31.20 -39.33
N LEU A 1131 7.64 -32.42 -39.02
CA LEU A 1131 6.21 -32.69 -39.06
C LEU A 1131 5.63 -32.81 -37.67
N GLU A 1132 4.53 -32.10 -37.48
CA GLU A 1132 3.77 -32.15 -36.26
C GLU A 1132 2.35 -32.56 -36.62
N VAL A 1133 1.95 -33.71 -36.10
CA VAL A 1133 0.57 -34.13 -36.21
C VAL A 1133 -0.08 -33.58 -34.96
N GLU A 1134 -1.29 -33.02 -35.08
CA GLU A 1134 -2.06 -32.63 -33.90
C GLU A 1134 -3.09 -33.71 -33.58
N VAL A 1135 -3.11 -34.13 -32.32
CA VAL A 1135 -3.90 -35.29 -31.95
C VAL A 1135 -4.79 -34.97 -30.76
N ASP A 1136 -6.01 -35.47 -30.82
CA ASP A 1136 -6.99 -35.27 -29.76
C ASP A 1136 -6.79 -36.31 -28.64
N HIS A 1137 -7.35 -36.05 -27.46
CA HIS A 1137 -7.30 -37.00 -26.35
C HIS A 1137 -8.14 -38.25 -26.62
N ALA A 1138 -9.15 -38.12 -27.47
CA ALA A 1138 -9.94 -39.26 -27.93
C ALA A 1138 -9.24 -39.98 -29.10
N LEU A 1139 -8.23 -40.77 -28.73
CA LEU A 1139 -7.55 -41.71 -29.65
C LEU A 1139 -7.62 -43.11 -29.04
N LEU A 1140 -7.46 -44.14 -29.85
CA LEU A 1140 -7.62 -45.53 -29.40
C LEU A 1140 -6.31 -46.24 -29.03
N ASP A 1141 -6.47 -47.48 -28.57
CA ASP A 1141 -5.40 -48.45 -28.49
C ASP A 1141 -4.99 -48.78 -29.93
N GLU A 1142 -5.99 -48.92 -30.80
CA GLU A 1142 -5.84 -49.31 -32.21
C GLU A 1142 -5.58 -48.12 -33.14
N LYS A 1143 -4.80 -47.15 -32.66
CA LYS A 1143 -4.42 -45.97 -33.44
C LYS A 1143 -2.97 -45.59 -33.17
N GLY A 1144 -2.52 -45.84 -31.94
CA GLY A 1144 -1.14 -45.60 -31.56
C GLY A 1144 -0.47 -46.89 -31.13
N ALA A 1146 -1.74 -48.78 -33.46
CA ALA A 1146 -0.65 -48.42 -34.36
C ALA A 1146 -1.19 -48.00 -35.73
N ARG A 1147 -2.21 -47.14 -35.71
CA ARG A 1147 -2.75 -46.53 -36.93
C ARG A 1147 -1.78 -45.51 -37.46
N LEU A 1148 -1.55 -44.47 -36.66
CA LEU A 1148 -0.60 -43.44 -37.03
C LEU A 1148 0.75 -44.12 -37.18
N LYS A 1149 1.13 -44.88 -36.16
CA LYS A 1149 2.46 -45.50 -36.13
C LYS A 1149 2.86 -46.20 -37.43
N SER A 1150 1.90 -46.82 -38.11
CA SER A 1150 2.18 -47.49 -39.39
C SER A 1150 2.22 -46.48 -40.54
N LEU A 1151 1.31 -45.51 -40.50
CA LEU A 1151 1.25 -44.46 -41.53
C LEU A 1151 2.56 -43.70 -41.64
N LEU A 1152 3.27 -43.56 -40.53
CA LEU A 1152 4.58 -42.92 -40.53
C LEU A 1152 5.64 -43.89 -40.92
N ASP A 1153 5.50 -45.14 -40.50
CA ASP A 1153 6.48 -46.18 -40.81
C ASP A 1153 6.63 -46.34 -42.32
N GLU A 1154 5.52 -46.17 -43.04
CA GLU A 1154 5.49 -46.39 -44.49
C GLU A 1154 6.18 -45.31 -45.36
N HIS A 1155 6.53 -44.17 -44.76
CA HIS A 1155 7.23 -43.11 -45.51
C HIS A 1155 8.38 -42.53 -44.70
N PRO A 1156 9.43 -43.32 -44.45
CA PRO A 1156 10.51 -42.82 -43.61
C PRO A 1156 11.37 -41.75 -44.31
N GLY A 1157 12.22 -41.08 -43.53
CA GLY A 1157 13.11 -40.05 -44.05
C GLY A 1157 14.06 -39.45 -43.03
N SER A 1158 14.09 -38.12 -42.99
CA SER A 1158 15.01 -37.36 -42.14
C SER A 1158 14.38 -36.24 -41.25
N LEU A 1159 13.05 -36.04 -41.34
CA LEU A 1159 12.32 -35.10 -40.47
C LEU A 1159 11.86 -35.78 -39.19
N PRO A 1160 12.09 -35.14 -38.03
CA PRO A 1160 11.57 -35.71 -36.79
C PRO A 1160 10.07 -35.54 -36.75
N VAL A 1161 9.39 -36.33 -35.92
CA VAL A 1161 7.95 -36.16 -35.76
C VAL A 1161 7.59 -35.76 -34.35
N TYR A 1162 6.63 -34.86 -34.27
CA TYR A 1162 6.18 -34.31 -33.01
C TYR A 1162 4.68 -34.53 -32.84
N LEU A 1163 4.26 -34.64 -31.60
CA LEU A 1163 2.86 -34.83 -31.31
C LEU A 1163 2.34 -33.83 -30.29
N ARG A 1164 1.39 -33.01 -30.71
CA ARG A 1164 0.63 -32.18 -29.79
C ARG A 1164 -0.51 -33.03 -29.26
N VAL A 1165 -0.39 -33.42 -28.01
CA VAL A 1165 -1.46 -34.16 -27.36
C VAL A 1165 -2.20 -33.24 -26.38
N LEU A 1166 -3.39 -32.82 -26.79
CA LEU A 1166 -4.26 -31.97 -26.00
C LEU A 1166 -4.84 -32.78 -24.83
N GLY A 1167 -4.14 -32.72 -23.69
CA GLY A 1167 -4.53 -33.40 -22.45
C GLY A 1167 -5.71 -32.74 -21.76
N PRO A 1168 -6.29 -33.41 -20.75
CA PRO A 1168 -7.51 -32.89 -20.14
C PRO A 1168 -7.25 -31.57 -19.42
N PHE A 1169 -6.11 -31.50 -18.71
CA PHE A 1169 -5.67 -30.31 -17.98
C PHE A 1169 -4.21 -29.96 -18.29
N GLY A 1170 -4.02 -29.32 -19.44
CA GLY A 1170 -2.67 -29.05 -19.95
C GLY A 1170 -2.43 -29.77 -21.27
N GLU A 1171 -1.24 -29.58 -21.83
CA GLU A 1171 -0.93 -30.03 -23.17
C GLU A 1171 0.58 -30.19 -23.31
N ALA A 1172 1.03 -31.33 -23.83
CA ALA A 1172 2.47 -31.66 -23.92
C ALA A 1172 2.95 -32.10 -25.29
N LEU A 1173 4.22 -31.83 -25.59
CA LEU A 1173 4.81 -32.13 -26.90
C LEU A 1173 5.65 -33.40 -26.91
N PHE A 1174 5.04 -34.52 -27.29
CA PHE A 1174 5.80 -35.75 -27.47
C PHE A 1174 6.49 -35.75 -28.82
N ALA A 1175 7.83 -35.62 -28.80
CA ALA A 1175 8.62 -35.77 -30.01
C ALA A 1175 8.83 -37.25 -30.22
N LEU A 1176 8.38 -37.72 -31.38
CA LEU A 1176 8.20 -39.15 -31.65
C LEU A 1176 9.16 -40.08 -30.92
N ARG A 1177 10.11 -40.65 -31.66
CA ARG A 1177 10.98 -41.69 -31.16
C ARG A 1177 12.11 -41.94 -32.16
N GLU A 1178 12.05 -43.13 -32.75
CA GLU A 1178 12.94 -43.60 -33.79
C GLU A 1178 12.52 -42.91 -35.08
N VAL A 1179 11.31 -43.23 -35.51
CA VAL A 1179 10.77 -42.89 -36.83
C VAL A 1179 11.06 -41.46 -37.23
N ARG A 1180 11.49 -41.30 -38.48
CA ARG A 1180 11.69 -39.98 -39.06
C ARG A 1180 11.07 -40.01 -40.45
N VAL A 1181 10.08 -39.16 -40.67
CA VAL A 1181 9.31 -39.13 -41.91
C VAL A 1181 10.04 -38.34 -43.00
N GLY A 1182 9.73 -38.62 -44.26
CA GLY A 1182 10.43 -37.98 -45.38
C GLY A 1182 9.71 -36.90 -46.17
N GLU A 1183 9.01 -36.01 -45.47
CA GLU A 1183 8.36 -34.83 -46.09
C GLU A 1183 7.04 -35.07 -46.82
N GLU A 1184 7.05 -35.96 -47.82
CA GLU A 1184 5.86 -36.30 -48.63
C GLU A 1184 4.66 -36.68 -47.76
N ALA A 1185 4.94 -36.98 -46.49
CA ALA A 1185 3.94 -37.49 -45.56
C ALA A 1185 2.77 -36.54 -45.29
N LEU A 1186 3.05 -35.25 -45.18
CA LEU A 1186 2.01 -34.24 -44.85
C LEU A 1186 0.81 -34.39 -45.78
N GLY A 1187 1.09 -34.42 -47.07
CA GLY A 1187 0.08 -34.58 -48.12
C GLY A 1187 -0.78 -35.82 -47.99
N LEU A 1188 -0.16 -36.93 -47.58
CA LEU A 1188 -0.89 -38.19 -47.36
C LEU A 1188 -1.43 -38.30 -45.94
N LEU A 1189 -0.97 -37.41 -45.06
CA LEU A 1189 -1.35 -37.46 -43.65
C LEU A 1189 -2.57 -36.60 -43.33
N GLU A 1190 -2.67 -35.42 -43.95
CA GLU A 1190 -3.86 -34.62 -43.82
C GLU A 1190 -5.03 -35.35 -44.45
N ALA A 1191 -4.71 -36.46 -45.11
CA ALA A 1191 -5.69 -37.33 -45.78
C ALA A 1191 -6.27 -38.39 -44.85
N GLU A 1192 -6.50 -37.99 -43.61
CA GLU A 1192 -7.31 -38.71 -42.63
C GLU A 1192 -7.62 -37.71 -41.53
N GLY A 1193 -8.52 -38.08 -40.61
CA GLY A 1193 -8.99 -37.17 -39.55
C GLY A 1193 -7.93 -36.52 -38.67
N TYR A 1194 -6.74 -36.28 -39.24
CA TYR A 1194 -5.60 -35.70 -38.54
C TYR A 1194 -5.23 -34.31 -39.09
N ARG A 1195 -5.17 -33.32 -38.20
CA ARG A 1195 -4.65 -31.98 -38.50
C ARG A 1195 -3.12 -31.99 -38.49
N ALA A 1196 -2.50 -31.30 -39.45
CA ALA A 1196 -1.04 -31.36 -39.60
C ALA A 1196 -0.37 -30.07 -40.07
N TYR A 1197 0.90 -29.95 -39.75
CA TYR A 1197 1.68 -28.77 -40.06
C TYR A 1197 3.12 -29.11 -40.44
N LEU A 1198 3.66 -28.34 -41.39
CA LEU A 1198 5.09 -28.41 -41.69
C LEU A 1198 5.79 -27.32 -40.86
N VAL A 1199 5.97 -27.62 -39.57
CA VAL A 1199 6.55 -26.67 -38.61
C VAL A 1199 8.07 -26.69 -38.62
N PRO A 1200 8.70 -25.57 -38.25
CA PRO A 1200 10.15 -25.56 -38.04
C PRO A 1200 10.57 -26.59 -36.97
N ASP A 1201 11.76 -27.16 -37.13
CA ASP A 1201 12.25 -28.20 -36.23
C ASP A 1201 12.84 -27.67 -34.94
N ARG A 1202 12.04 -27.79 -33.88
CA ARG A 1202 12.36 -27.39 -32.51
C ARG A 1202 13.79 -27.68 -31.98
N GLU A 1203 14.42 -28.74 -32.50
CA GLU A 1203 15.73 -29.20 -31.99
C GLU A 1203 16.84 -28.15 -32.08
N VAL A 1204 17.36 -27.93 -33.30
CA VAL A 1204 18.43 -26.96 -33.60
C VAL A 1204 18.73 -25.92 -32.50
N PHE A 1205 17.68 -25.33 -31.95
CA PHE A 1205 17.79 -24.24 -30.99
C PHE A 1205 18.23 -24.75 -29.62
#